data_1SF0
# 
_entry.id   1SF0 
# 
_audit_conform.dict_name       mmcif_pdbx.dic 
_audit_conform.dict_version    5.391 
_audit_conform.dict_location   http://mmcif.pdb.org/dictionaries/ascii/mmcif_pdbx.dic 
# 
loop_
_database_2.database_id 
_database_2.database_code 
_database_2.pdbx_database_accession 
_database_2.pdbx_DOI 
PDB   1SF0         pdb_00001sf0 10.2210/pdb1sf0/pdb 
RCSB  RCSB021650   ?            ?                   
WWPDB D_1000021650 ?            ?                   
# 
loop_
_pdbx_audit_revision_history.ordinal 
_pdbx_audit_revision_history.data_content_type 
_pdbx_audit_revision_history.major_revision 
_pdbx_audit_revision_history.minor_revision 
_pdbx_audit_revision_history.revision_date 
1 'Structure model' 1 0 2004-04-13 
2 'Structure model' 1 1 2008-04-29 
3 'Structure model' 1 2 2011-07-13 
4 'Structure model' 1 3 2024-05-01 
# 
_pdbx_audit_revision_details.ordinal             1 
_pdbx_audit_revision_details.revision_ordinal    1 
_pdbx_audit_revision_details.data_content_type   'Structure model' 
_pdbx_audit_revision_details.provider            repository 
_pdbx_audit_revision_details.type                'Initial release' 
_pdbx_audit_revision_details.description         ? 
_pdbx_audit_revision_details.details             ? 
# 
loop_
_pdbx_audit_revision_group.ordinal 
_pdbx_audit_revision_group.revision_ordinal 
_pdbx_audit_revision_group.data_content_type 
_pdbx_audit_revision_group.group 
1 2 'Structure model' 'Version format compliance' 
2 3 'Structure model' 'Source and taxonomy'       
3 3 'Structure model' 'Version format compliance' 
4 4 'Structure model' 'Data collection'           
5 4 'Structure model' 'Database references'       
# 
loop_
_pdbx_audit_revision_category.ordinal 
_pdbx_audit_revision_category.revision_ordinal 
_pdbx_audit_revision_category.data_content_type 
_pdbx_audit_revision_category.category 
1 4 'Structure model' chem_comp_atom     
2 4 'Structure model' chem_comp_bond     
3 4 'Structure model' database_2         
4 4 'Structure model' pdbx_nmr_software  
5 4 'Structure model' struct_ref_seq_dif 
# 
loop_
_pdbx_audit_revision_item.ordinal 
_pdbx_audit_revision_item.revision_ordinal 
_pdbx_audit_revision_item.data_content_type 
_pdbx_audit_revision_item.item 
1 4 'Structure model' '_database_2.pdbx_DOI'                
2 4 'Structure model' '_database_2.pdbx_database_accession' 
3 4 'Structure model' '_pdbx_nmr_software.name'             
4 4 'Structure model' '_struct_ref_seq_dif.details'         
# 
_pdbx_database_status.status_code                     REL 
_pdbx_database_status.entry_id                        1SF0 
_pdbx_database_status.recvd_initial_deposition_date   2004-02-19 
_pdbx_database_status.deposit_site                    RCSB 
_pdbx_database_status.process_site                    RCSB 
_pdbx_database_status.SG_entry                        Y 
_pdbx_database_status.status_code_sf                  ? 
_pdbx_database_status.status_code_mr                  REL 
_pdbx_database_status.pdb_format_compatible           Y 
_pdbx_database_status.status_code_cs                  ? 
_pdbx_database_status.status_code_nmr_data            ? 
_pdbx_database_status.methods_development_category    ? 
# 
_pdbx_database_related.db_name        TargetDB 
_pdbx_database_related.db_id          Pfu-1016054-001 
_pdbx_database_related.details        . 
_pdbx_database_related.content_type   unspecified 
# 
loop_
_audit_author.name 
_audit_author.pdbx_ordinal 
'Prestegard, J.H.'                                        1 
'Mayer, K.L.'                                             2 
'Valafar, H.'                                             3 
'Southeast Collaboratory for Structural Genomics (SECSG)' 4 
# 
_citation.id                        primary 
_citation.title                     
'Backbone solution structures of proteins using residual dipolar couplings: Application to a novel structural genomics target.' 
_citation.journal_abbrev            J.STRUCT.FUNCT.GENOM. 
_citation.journal_volume            5 
_citation.page_first                241 
_citation.page_last                 254 
_citation.year                      2005 
_citation.journal_id_ASTM           ? 
_citation.country                   NE 
_citation.journal_id_ISSN           1345-711X 
_citation.journal_id_CSD            ? 
_citation.book_publisher            ? 
_citation.pdbx_database_id_PubMed   15704012 
_citation.pdbx_database_id_DOI      10.1007/s10969-005-4899-5 
# 
loop_
_citation_author.citation_id 
_citation_author.name 
_citation_author.ordinal 
_citation_author.identifier_ORCID 
primary 'Valafar, H.'      1 ? 
primary 'Mayer, K.L.'      2 ? 
primary 'Bougault, C.M.'   3 ? 
primary 'Leblond, P.D.'    4 ? 
primary 'Jenney, F.E.'     5 ? 
primary 'Brereton, P.S.'   6 ? 
primary 'Adams, M.W.'      7 ? 
primary 'Prestegard, J.H.' 8 ? 
# 
_entity.id                         1 
_entity.type                       polymer 
_entity.src_method                 man 
_entity.pdbx_description           'hypothetical protein PF1061' 
_entity.formula_weight             8610.884 
_entity.pdbx_number_of_molecules   1 
_entity.pdbx_ec                    ? 
_entity.pdbx_mutation              ? 
_entity.pdbx_fragment              ? 
_entity.details                    ? 
# 
_entity_poly.entity_id                      1 
_entity_poly.type                           'polypeptide(L)' 
_entity_poly.nstd_linkage                   no 
_entity_poly.nstd_monomer                   no 
_entity_poly.pdbx_seq_one_letter_code       AHHHHHHGSKMIKVKVIGRNIEKEIEWREGMKVRDILRAVGFNTESAIAKVNGKVVLEDDEVKDGDFVEVIPVVSGG 
_entity_poly.pdbx_seq_one_letter_code_can   AHHHHHHGSKMIKVKVIGRNIEKEIEWREGMKVRDILRAVGFNTESAIAKVNGKVVLEDDEVKDGDFVEVIPVVSGG 
_entity_poly.pdbx_strand_id                 A 
_entity_poly.pdbx_target_identifier         Pfu-1016054-001 
# 
loop_
_entity_poly_seq.entity_id 
_entity_poly_seq.num 
_entity_poly_seq.mon_id 
_entity_poly_seq.hetero 
1 1  ALA n 
1 2  HIS n 
1 3  HIS n 
1 4  HIS n 
1 5  HIS n 
1 6  HIS n 
1 7  HIS n 
1 8  GLY n 
1 9  SER n 
1 10 LYS n 
1 11 MET n 
1 12 ILE n 
1 13 LYS n 
1 14 VAL n 
1 15 LYS n 
1 16 VAL n 
1 17 ILE n 
1 18 GLY n 
1 19 ARG n 
1 20 ASN n 
1 21 ILE n 
1 22 GLU n 
1 23 LYS n 
1 24 GLU n 
1 25 ILE n 
1 26 GLU n 
1 27 TRP n 
1 28 ARG n 
1 29 GLU n 
1 30 GLY n 
1 31 MET n 
1 32 LYS n 
1 33 VAL n 
1 34 ARG n 
1 35 ASP n 
1 36 ILE n 
1 37 LEU n 
1 38 ARG n 
1 39 ALA n 
1 40 VAL n 
1 41 GLY n 
1 42 PHE n 
1 43 ASN n 
1 44 THR n 
1 45 GLU n 
1 46 SER n 
1 47 ALA n 
1 48 ILE n 
1 49 ALA n 
1 50 LYS n 
1 51 VAL n 
1 52 ASN n 
1 53 GLY n 
1 54 LYS n 
1 55 VAL n 
1 56 VAL n 
1 57 LEU n 
1 58 GLU n 
1 59 ASP n 
1 60 ASP n 
1 61 GLU n 
1 62 VAL n 
1 63 LYS n 
1 64 ASP n 
1 65 GLY n 
1 66 ASP n 
1 67 PHE n 
1 68 VAL n 
1 69 GLU n 
1 70 VAL n 
1 71 ILE n 
1 72 PRO n 
1 73 VAL n 
1 74 VAL n 
1 75 SER n 
1 76 GLY n 
1 77 GLY n 
# 
_entity_src_gen.entity_id                          1 
_entity_src_gen.pdbx_src_id                        1 
_entity_src_gen.pdbx_alt_source_flag               sample 
_entity_src_gen.pdbx_seq_type                      ? 
_entity_src_gen.pdbx_beg_seq_num                   ? 
_entity_src_gen.pdbx_end_seq_num                   ? 
_entity_src_gen.gene_src_common_name               ? 
_entity_src_gen.gene_src_genus                     Pyrococcus 
_entity_src_gen.pdbx_gene_src_gene                 PF1061 
_entity_src_gen.gene_src_species                   'Pyrococcus furiosus' 
_entity_src_gen.gene_src_strain                    'DSM 3638' 
_entity_src_gen.gene_src_tissue                    ? 
_entity_src_gen.gene_src_tissue_fraction           ? 
_entity_src_gen.gene_src_details                   ? 
_entity_src_gen.pdbx_gene_src_fragment             ? 
_entity_src_gen.pdbx_gene_src_scientific_name      'Pyrococcus furiosus' 
_entity_src_gen.pdbx_gene_src_ncbi_taxonomy_id     186497 
_entity_src_gen.pdbx_gene_src_variant              ? 
_entity_src_gen.pdbx_gene_src_cell_line            ? 
_entity_src_gen.pdbx_gene_src_atcc                 ? 
_entity_src_gen.pdbx_gene_src_organ                ? 
_entity_src_gen.pdbx_gene_src_organelle            ? 
_entity_src_gen.pdbx_gene_src_cell                 ? 
_entity_src_gen.pdbx_gene_src_cellular_location    ? 
_entity_src_gen.host_org_common_name               ? 
_entity_src_gen.pdbx_host_org_scientific_name      'Escherichia coli' 
_entity_src_gen.pdbx_host_org_ncbi_taxonomy_id     562 
_entity_src_gen.host_org_genus                     Escherichia 
_entity_src_gen.pdbx_host_org_gene                 ? 
_entity_src_gen.pdbx_host_org_organ                ? 
_entity_src_gen.host_org_species                   ? 
_entity_src_gen.pdbx_host_org_tissue               ? 
_entity_src_gen.pdbx_host_org_tissue_fraction      ? 
_entity_src_gen.pdbx_host_org_strain               'BL21DE3STAR PRIL' 
_entity_src_gen.pdbx_host_org_variant              ? 
_entity_src_gen.pdbx_host_org_cell_line            ? 
_entity_src_gen.pdbx_host_org_atcc                 ? 
_entity_src_gen.pdbx_host_org_culture_collection   ? 
_entity_src_gen.pdbx_host_org_cell                 ? 
_entity_src_gen.pdbx_host_org_organelle            ? 
_entity_src_gen.pdbx_host_org_cellular_location    ? 
_entity_src_gen.pdbx_host_org_vector_type          PLASMID 
_entity_src_gen.pdbx_host_org_vector               ? 
_entity_src_gen.host_org_details                   ? 
_entity_src_gen.expression_system_id               ? 
_entity_src_gen.plasmid_name                       'PET24D BAM' 
_entity_src_gen.plasmid_details                    ? 
_entity_src_gen.pdbx_description                   ? 
# 
loop_
_chem_comp.id 
_chem_comp.type 
_chem_comp.mon_nstd_flag 
_chem_comp.name 
_chem_comp.pdbx_synonyms 
_chem_comp.formula 
_chem_comp.formula_weight 
ALA 'L-peptide linking' y ALANINE         ? 'C3 H7 N O2'     89.093  
ARG 'L-peptide linking' y ARGININE        ? 'C6 H15 N4 O2 1' 175.209 
ASN 'L-peptide linking' y ASPARAGINE      ? 'C4 H8 N2 O3'    132.118 
ASP 'L-peptide linking' y 'ASPARTIC ACID' ? 'C4 H7 N O4'     133.103 
GLU 'L-peptide linking' y 'GLUTAMIC ACID' ? 'C5 H9 N O4'     147.129 
GLY 'peptide linking'   y GLYCINE         ? 'C2 H5 N O2'     75.067  
HIS 'L-peptide linking' y HISTIDINE       ? 'C6 H10 N3 O2 1' 156.162 
ILE 'L-peptide linking' y ISOLEUCINE      ? 'C6 H13 N O2'    131.173 
LEU 'L-peptide linking' y LEUCINE         ? 'C6 H13 N O2'    131.173 
LYS 'L-peptide linking' y LYSINE          ? 'C6 H15 N2 O2 1' 147.195 
MET 'L-peptide linking' y METHIONINE      ? 'C5 H11 N O2 S'  149.211 
PHE 'L-peptide linking' y PHENYLALANINE   ? 'C9 H11 N O2'    165.189 
PRO 'L-peptide linking' y PROLINE         ? 'C5 H9 N O2'     115.130 
SER 'L-peptide linking' y SERINE          ? 'C3 H7 N O3'     105.093 
THR 'L-peptide linking' y THREONINE       ? 'C4 H9 N O3'     119.119 
TRP 'L-peptide linking' y TRYPTOPHAN      ? 'C11 H12 N2 O2'  204.225 
VAL 'L-peptide linking' y VALINE          ? 'C5 H11 N O2'    117.146 
# 
loop_
_pdbx_poly_seq_scheme.asym_id 
_pdbx_poly_seq_scheme.entity_id 
_pdbx_poly_seq_scheme.seq_id 
_pdbx_poly_seq_scheme.mon_id 
_pdbx_poly_seq_scheme.ndb_seq_num 
_pdbx_poly_seq_scheme.pdb_seq_num 
_pdbx_poly_seq_scheme.auth_seq_num 
_pdbx_poly_seq_scheme.pdb_mon_id 
_pdbx_poly_seq_scheme.auth_mon_id 
_pdbx_poly_seq_scheme.pdb_strand_id 
_pdbx_poly_seq_scheme.pdb_ins_code 
_pdbx_poly_seq_scheme.hetero 
A 1 1  ALA 1  -7 ?  ?   ?   A . n 
A 1 2  HIS 2  -6 ?  ?   ?   A . n 
A 1 3  HIS 3  -5 ?  ?   ?   A . n 
A 1 4  HIS 4  -4 ?  ?   ?   A . n 
A 1 5  HIS 5  -3 ?  ?   ?   A . n 
A 1 6  HIS 6  -2 ?  ?   ?   A . n 
A 1 7  HIS 7  -1 ?  ?   ?   A . n 
A 1 8  GLY 8  0  ?  ?   ?   A . n 
A 1 9  SER 9  1  ?  ?   ?   A . n 
A 1 10 LYS 10 2  2  LYS LYS A . n 
A 1 11 MET 11 3  3  MET MET A . n 
A 1 12 ILE 12 4  4  ILE ILE A . n 
A 1 13 LYS 13 5  5  LYS LYS A . n 
A 1 14 VAL 14 6  6  VAL VAL A . n 
A 1 15 LYS 15 7  7  LYS LYS A . n 
A 1 16 VAL 16 8  8  VAL VAL A . n 
A 1 17 ILE 17 9  9  ILE ILE A . n 
A 1 18 GLY 18 10 10 GLY GLY A . n 
A 1 19 ARG 19 11 11 ARG ARG A . n 
A 1 20 ASN 20 12 12 ASN ASN A . n 
A 1 21 ILE 21 13 13 ILE ILE A . n 
A 1 22 GLU 22 14 14 GLU GLU A . n 
A 1 23 LYS 23 15 15 LYS LYS A . n 
A 1 24 GLU 24 16 16 GLU GLU A . n 
A 1 25 ILE 25 17 17 ILE ILE A . n 
A 1 26 GLU 26 18 18 GLU GLU A . n 
A 1 27 TRP 27 19 19 TRP TRP A . n 
A 1 28 ARG 28 20 20 ARG ARG A . n 
A 1 29 GLU 29 21 21 GLU GLU A . n 
A 1 30 GLY 30 22 22 GLY GLY A . n 
A 1 31 MET 31 23 23 MET MET A . n 
A 1 32 LYS 32 24 24 LYS LYS A . n 
A 1 33 VAL 33 25 25 VAL VAL A . n 
A 1 34 ARG 34 26 26 ARG ARG A . n 
A 1 35 ASP 35 27 27 ASP ASP A . n 
A 1 36 ILE 36 28 28 ILE ILE A . n 
A 1 37 LEU 37 29 29 LEU LEU A . n 
A 1 38 ARG 38 30 30 ARG ARG A . n 
A 1 39 ALA 39 31 31 ALA ALA A . n 
A 1 40 VAL 40 32 32 VAL VAL A . n 
A 1 41 GLY 41 33 33 GLY GLY A . n 
A 1 42 PHE 42 34 34 PHE PHE A . n 
A 1 43 ASN 43 35 35 ASN ASN A . n 
A 1 44 THR 44 36 36 THR THR A . n 
A 1 45 GLU 45 37 37 GLU GLU A . n 
A 1 46 SER 46 38 38 SER SER A . n 
A 1 47 ALA 47 39 39 ALA ALA A . n 
A 1 48 ILE 48 40 40 ILE ILE A . n 
A 1 49 ALA 49 41 41 ALA ALA A . n 
A 1 50 LYS 50 42 42 LYS LYS A . n 
A 1 51 VAL 51 43 43 VAL VAL A . n 
A 1 52 ASN 52 44 44 ASN ASN A . n 
A 1 53 GLY 53 45 45 GLY GLY A . n 
A 1 54 LYS 54 46 46 LYS LYS A . n 
A 1 55 VAL 55 47 47 VAL VAL A . n 
A 1 56 VAL 56 48 48 VAL VAL A . n 
A 1 57 LEU 57 49 49 LEU LEU A . n 
A 1 58 GLU 58 50 50 GLU GLU A . n 
A 1 59 ASP 59 51 51 ASP ASP A . n 
A 1 60 ASP 60 52 52 ASP ASP A . n 
A 1 61 GLU 61 53 53 GLU GLU A . n 
A 1 62 VAL 62 54 54 VAL VAL A . n 
A 1 63 LYS 63 55 55 LYS LYS A . n 
A 1 64 ASP 64 56 56 ASP ASP A . n 
A 1 65 GLY 65 57 57 GLY GLY A . n 
A 1 66 ASP 66 58 58 ASP ASP A . n 
A 1 67 PHE 67 59 59 PHE PHE A . n 
A 1 68 VAL 68 60 60 VAL VAL A . n 
A 1 69 GLU 69 61 61 GLU GLU A . n 
A 1 70 VAL 70 62 62 VAL VAL A . n 
A 1 71 ILE 71 63 63 ILE ILE A . n 
A 1 72 PRO 72 64 64 PRO PRO A . n 
A 1 73 VAL 73 65 65 VAL VAL A . n 
A 1 74 VAL 74 66 66 VAL VAL A . n 
A 1 75 SER 75 67 67 SER SER A . n 
A 1 76 GLY 76 68 68 GLY GLY A . n 
A 1 77 GLY 77 69 69 GLY GLY A . n 
# 
loop_
_pdbx_unobs_or_zero_occ_atoms.id 
_pdbx_unobs_or_zero_occ_atoms.PDB_model_num 
_pdbx_unobs_or_zero_occ_atoms.polymer_flag 
_pdbx_unobs_or_zero_occ_atoms.occupancy_flag 
_pdbx_unobs_or_zero_occ_atoms.auth_asym_id 
_pdbx_unobs_or_zero_occ_atoms.auth_comp_id 
_pdbx_unobs_or_zero_occ_atoms.auth_seq_id 
_pdbx_unobs_or_zero_occ_atoms.PDB_ins_code 
_pdbx_unobs_or_zero_occ_atoms.auth_atom_id 
_pdbx_unobs_or_zero_occ_atoms.label_alt_id 
_pdbx_unobs_or_zero_occ_atoms.label_asym_id 
_pdbx_unobs_or_zero_occ_atoms.label_comp_id 
_pdbx_unobs_or_zero_occ_atoms.label_seq_id 
_pdbx_unobs_or_zero_occ_atoms.label_atom_id 
1   1 Y 1 A LYS 2  ? CG  ? A LYS 10 CG  
2   1 Y 1 A LYS 2  ? CD  ? A LYS 10 CD  
3   1 Y 1 A LYS 2  ? CE  ? A LYS 10 CE  
4   1 Y 1 A LYS 2  ? NZ  ? A LYS 10 NZ  
5   1 Y 1 A MET 3  ? CG  ? A MET 11 CG  
6   1 Y 1 A MET 3  ? SD  ? A MET 11 SD  
7   1 Y 1 A MET 3  ? CE  ? A MET 11 CE  
8   1 Y 1 A ILE 4  ? CG1 ? A ILE 12 CG1 
9   1 Y 1 A ILE 4  ? CG2 ? A ILE 12 CG2 
10  1 Y 1 A ILE 4  ? CD1 ? A ILE 12 CD1 
11  1 Y 1 A LYS 5  ? CG  ? A LYS 13 CG  
12  1 Y 1 A LYS 5  ? CD  ? A LYS 13 CD  
13  1 Y 1 A LYS 5  ? CE  ? A LYS 13 CE  
14  1 Y 1 A LYS 5  ? NZ  ? A LYS 13 NZ  
15  1 Y 1 A VAL 6  ? CG1 ? A VAL 14 CG1 
16  1 Y 1 A VAL 6  ? CG2 ? A VAL 14 CG2 
17  1 Y 1 A LYS 7  ? CG  ? A LYS 15 CG  
18  1 Y 1 A LYS 7  ? CD  ? A LYS 15 CD  
19  1 Y 1 A LYS 7  ? CE  ? A LYS 15 CE  
20  1 Y 1 A LYS 7  ? NZ  ? A LYS 15 NZ  
21  1 Y 1 A VAL 8  ? CG1 ? A VAL 16 CG1 
22  1 Y 1 A VAL 8  ? CG2 ? A VAL 16 CG2 
23  1 Y 1 A ILE 9  ? CG1 ? A ILE 17 CG1 
24  1 Y 1 A ILE 9  ? CG2 ? A ILE 17 CG2 
25  1 Y 1 A ILE 9  ? CD1 ? A ILE 17 CD1 
26  1 Y 1 A ARG 11 ? CG  ? A ARG 19 CG  
27  1 Y 1 A ARG 11 ? CD  ? A ARG 19 CD  
28  1 Y 1 A ARG 11 ? NE  ? A ARG 19 NE  
29  1 Y 1 A ARG 11 ? CZ  ? A ARG 19 CZ  
30  1 Y 1 A ARG 11 ? NH1 ? A ARG 19 NH1 
31  1 Y 1 A ARG 11 ? NH2 ? A ARG 19 NH2 
32  1 Y 1 A ASN 12 ? CG  ? A ASN 20 CG  
33  1 Y 1 A ASN 12 ? OD1 ? A ASN 20 OD1 
34  1 Y 1 A ASN 12 ? ND2 ? A ASN 20 ND2 
35  1 Y 1 A ILE 13 ? CG1 ? A ILE 21 CG1 
36  1 Y 1 A ILE 13 ? CG2 ? A ILE 21 CG2 
37  1 Y 1 A ILE 13 ? CD1 ? A ILE 21 CD1 
38  1 Y 1 A GLU 14 ? CG  ? A GLU 22 CG  
39  1 Y 1 A GLU 14 ? CD  ? A GLU 22 CD  
40  1 Y 1 A GLU 14 ? OE1 ? A GLU 22 OE1 
41  1 Y 1 A GLU 14 ? OE2 ? A GLU 22 OE2 
42  1 Y 1 A LYS 15 ? CG  ? A LYS 23 CG  
43  1 Y 1 A LYS 15 ? CD  ? A LYS 23 CD  
44  1 Y 1 A LYS 15 ? CE  ? A LYS 23 CE  
45  1 Y 1 A LYS 15 ? NZ  ? A LYS 23 NZ  
46  1 Y 1 A GLU 16 ? CG  ? A GLU 24 CG  
47  1 Y 1 A GLU 16 ? CD  ? A GLU 24 CD  
48  1 Y 1 A GLU 16 ? OE1 ? A GLU 24 OE1 
49  1 Y 1 A GLU 16 ? OE2 ? A GLU 24 OE2 
50  1 Y 1 A ILE 17 ? CG1 ? A ILE 25 CG1 
51  1 Y 1 A ILE 17 ? CG2 ? A ILE 25 CG2 
52  1 Y 1 A ILE 17 ? CD1 ? A ILE 25 CD1 
53  1 Y 1 A GLU 18 ? CG  ? A GLU 26 CG  
54  1 Y 1 A GLU 18 ? CD  ? A GLU 26 CD  
55  1 Y 1 A GLU 18 ? OE1 ? A GLU 26 OE1 
56  1 Y 1 A GLU 18 ? OE2 ? A GLU 26 OE2 
57  1 Y 1 A TRP 19 ? CG  ? A TRP 27 CG  
58  1 Y 1 A TRP 19 ? CD1 ? A TRP 27 CD1 
59  1 Y 1 A TRP 19 ? CD2 ? A TRP 27 CD2 
60  1 Y 1 A TRP 19 ? NE1 ? A TRP 27 NE1 
61  1 Y 1 A TRP 19 ? CE2 ? A TRP 27 CE2 
62  1 Y 1 A TRP 19 ? CE3 ? A TRP 27 CE3 
63  1 Y 1 A TRP 19 ? CZ2 ? A TRP 27 CZ2 
64  1 Y 1 A TRP 19 ? CZ3 ? A TRP 27 CZ3 
65  1 Y 1 A TRP 19 ? CH2 ? A TRP 27 CH2 
66  1 Y 1 A ARG 20 ? CG  ? A ARG 28 CG  
67  1 Y 1 A ARG 20 ? CD  ? A ARG 28 CD  
68  1 Y 1 A ARG 20 ? NE  ? A ARG 28 NE  
69  1 Y 1 A ARG 20 ? CZ  ? A ARG 28 CZ  
70  1 Y 1 A ARG 20 ? NH1 ? A ARG 28 NH1 
71  1 Y 1 A ARG 20 ? NH2 ? A ARG 28 NH2 
72  1 Y 1 A GLU 21 ? CG  ? A GLU 29 CG  
73  1 Y 1 A GLU 21 ? CD  ? A GLU 29 CD  
74  1 Y 1 A GLU 21 ? OE1 ? A GLU 29 OE1 
75  1 Y 1 A GLU 21 ? OE2 ? A GLU 29 OE2 
76  1 Y 1 A MET 23 ? CG  ? A MET 31 CG  
77  1 Y 1 A MET 23 ? SD  ? A MET 31 SD  
78  1 Y 1 A MET 23 ? CE  ? A MET 31 CE  
79  1 Y 1 A LYS 24 ? CG  ? A LYS 32 CG  
80  1 Y 1 A LYS 24 ? CD  ? A LYS 32 CD  
81  1 Y 1 A LYS 24 ? CE  ? A LYS 32 CE  
82  1 Y 1 A LYS 24 ? NZ  ? A LYS 32 NZ  
83  1 Y 1 A VAL 25 ? CG1 ? A VAL 33 CG1 
84  1 Y 1 A VAL 25 ? CG2 ? A VAL 33 CG2 
85  1 Y 1 A ARG 26 ? CG  ? A ARG 34 CG  
86  1 Y 1 A ARG 26 ? CD  ? A ARG 34 CD  
87  1 Y 1 A ARG 26 ? NE  ? A ARG 34 NE  
88  1 Y 1 A ARG 26 ? CZ  ? A ARG 34 CZ  
89  1 Y 1 A ARG 26 ? NH1 ? A ARG 34 NH1 
90  1 Y 1 A ARG 26 ? NH2 ? A ARG 34 NH2 
91  1 Y 1 A ASP 27 ? CG  ? A ASP 35 CG  
92  1 Y 1 A ASP 27 ? OD1 ? A ASP 35 OD1 
93  1 Y 1 A ASP 27 ? OD2 ? A ASP 35 OD2 
94  1 Y 1 A ILE 28 ? CG1 ? A ILE 36 CG1 
95  1 Y 1 A ILE 28 ? CG2 ? A ILE 36 CG2 
96  1 Y 1 A ILE 28 ? CD1 ? A ILE 36 CD1 
97  1 Y 1 A LEU 29 ? CG  ? A LEU 37 CG  
98  1 Y 1 A LEU 29 ? CD1 ? A LEU 37 CD1 
99  1 Y 1 A LEU 29 ? CD2 ? A LEU 37 CD2 
100 1 Y 1 A ARG 30 ? CG  ? A ARG 38 CG  
101 1 Y 1 A ARG 30 ? CD  ? A ARG 38 CD  
102 1 Y 1 A ARG 30 ? NE  ? A ARG 38 NE  
103 1 Y 1 A ARG 30 ? CZ  ? A ARG 38 CZ  
104 1 Y 1 A ARG 30 ? NH1 ? A ARG 38 NH1 
105 1 Y 1 A ARG 30 ? NH2 ? A ARG 38 NH2 
106 1 Y 1 A VAL 32 ? CG1 ? A VAL 40 CG1 
107 1 Y 1 A VAL 32 ? CG2 ? A VAL 40 CG2 
108 1 Y 1 A PHE 34 ? CG  ? A PHE 42 CG  
109 1 Y 1 A PHE 34 ? CD1 ? A PHE 42 CD1 
110 1 Y 1 A PHE 34 ? CD2 ? A PHE 42 CD2 
111 1 Y 1 A PHE 34 ? CE1 ? A PHE 42 CE1 
112 1 Y 1 A PHE 34 ? CE2 ? A PHE 42 CE2 
113 1 Y 1 A PHE 34 ? CZ  ? A PHE 42 CZ  
114 1 Y 1 A ASN 35 ? CG  ? A ASN 43 CG  
115 1 Y 1 A ASN 35 ? OD1 ? A ASN 43 OD1 
116 1 Y 1 A ASN 35 ? ND2 ? A ASN 43 ND2 
117 1 Y 1 A THR 36 ? OG1 ? A THR 44 OG1 
118 1 Y 1 A THR 36 ? CG2 ? A THR 44 CG2 
119 1 Y 1 A GLU 37 ? CG  ? A GLU 45 CG  
120 1 Y 1 A GLU 37 ? CD  ? A GLU 45 CD  
121 1 Y 1 A GLU 37 ? OE1 ? A GLU 45 OE1 
122 1 Y 1 A GLU 37 ? OE2 ? A GLU 45 OE2 
123 1 Y 1 A SER 38 ? OG  ? A SER 46 OG  
124 1 Y 1 A ILE 40 ? CG1 ? A ILE 48 CG1 
125 1 Y 1 A ILE 40 ? CG2 ? A ILE 48 CG2 
126 1 Y 1 A ILE 40 ? CD1 ? A ILE 48 CD1 
127 1 Y 1 A LYS 42 ? CG  ? A LYS 50 CG  
128 1 Y 1 A LYS 42 ? CD  ? A LYS 50 CD  
129 1 Y 1 A LYS 42 ? CE  ? A LYS 50 CE  
130 1 Y 1 A LYS 42 ? NZ  ? A LYS 50 NZ  
131 1 Y 1 A VAL 43 ? CG1 ? A VAL 51 CG1 
132 1 Y 1 A VAL 43 ? CG2 ? A VAL 51 CG2 
133 1 Y 1 A ASN 44 ? CG  ? A ASN 52 CG  
134 1 Y 1 A ASN 44 ? OD1 ? A ASN 52 OD1 
135 1 Y 1 A ASN 44 ? ND2 ? A ASN 52 ND2 
136 1 Y 1 A LYS 46 ? CG  ? A LYS 54 CG  
137 1 Y 1 A LYS 46 ? CD  ? A LYS 54 CD  
138 1 Y 1 A LYS 46 ? CE  ? A LYS 54 CE  
139 1 Y 1 A LYS 46 ? NZ  ? A LYS 54 NZ  
140 1 Y 1 A VAL 47 ? CG1 ? A VAL 55 CG1 
141 1 Y 1 A VAL 47 ? CG2 ? A VAL 55 CG2 
142 1 Y 1 A VAL 48 ? CG1 ? A VAL 56 CG1 
143 1 Y 1 A VAL 48 ? CG2 ? A VAL 56 CG2 
144 1 Y 1 A LEU 49 ? CG  ? A LEU 57 CG  
145 1 Y 1 A LEU 49 ? CD1 ? A LEU 57 CD1 
146 1 Y 1 A LEU 49 ? CD2 ? A LEU 57 CD2 
147 1 Y 1 A GLU 50 ? CG  ? A GLU 58 CG  
148 1 Y 1 A GLU 50 ? CD  ? A GLU 58 CD  
149 1 Y 1 A GLU 50 ? OE1 ? A GLU 58 OE1 
150 1 Y 1 A GLU 50 ? OE2 ? A GLU 58 OE2 
151 1 Y 1 A ASP 51 ? CG  ? A ASP 59 CG  
152 1 Y 1 A ASP 51 ? OD1 ? A ASP 59 OD1 
153 1 Y 1 A ASP 51 ? OD2 ? A ASP 59 OD2 
154 1 Y 1 A ASP 52 ? CG  ? A ASP 60 CG  
155 1 Y 1 A ASP 52 ? OD1 ? A ASP 60 OD1 
156 1 Y 1 A ASP 52 ? OD2 ? A ASP 60 OD2 
157 1 Y 1 A GLU 53 ? CG  ? A GLU 61 CG  
158 1 Y 1 A GLU 53 ? CD  ? A GLU 61 CD  
159 1 Y 1 A GLU 53 ? OE1 ? A GLU 61 OE1 
160 1 Y 1 A GLU 53 ? OE2 ? A GLU 61 OE2 
161 1 Y 1 A VAL 54 ? CG1 ? A VAL 62 CG1 
162 1 Y 1 A VAL 54 ? CG2 ? A VAL 62 CG2 
163 1 Y 1 A LYS 55 ? CG  ? A LYS 63 CG  
164 1 Y 1 A LYS 55 ? CD  ? A LYS 63 CD  
165 1 Y 1 A LYS 55 ? CE  ? A LYS 63 CE  
166 1 Y 1 A LYS 55 ? NZ  ? A LYS 63 NZ  
167 1 Y 1 A ASP 56 ? CG  ? A ASP 64 CG  
168 1 Y 1 A ASP 56 ? OD1 ? A ASP 64 OD1 
169 1 Y 1 A ASP 56 ? OD2 ? A ASP 64 OD2 
170 1 Y 1 A ASP 58 ? CG  ? A ASP 66 CG  
171 1 Y 1 A ASP 58 ? OD1 ? A ASP 66 OD1 
172 1 Y 1 A ASP 58 ? OD2 ? A ASP 66 OD2 
173 1 Y 1 A PHE 59 ? CG  ? A PHE 67 CG  
174 1 Y 1 A PHE 59 ? CD1 ? A PHE 67 CD1 
175 1 Y 1 A PHE 59 ? CD2 ? A PHE 67 CD2 
176 1 Y 1 A PHE 59 ? CE1 ? A PHE 67 CE1 
177 1 Y 1 A PHE 59 ? CE2 ? A PHE 67 CE2 
178 1 Y 1 A PHE 59 ? CZ  ? A PHE 67 CZ  
179 1 Y 1 A VAL 60 ? CG1 ? A VAL 68 CG1 
180 1 Y 1 A VAL 60 ? CG2 ? A VAL 68 CG2 
181 1 Y 1 A GLU 61 ? CG  ? A GLU 69 CG  
182 1 Y 1 A GLU 61 ? CD  ? A GLU 69 CD  
183 1 Y 1 A GLU 61 ? OE1 ? A GLU 69 OE1 
184 1 Y 1 A GLU 61 ? OE2 ? A GLU 69 OE2 
185 1 Y 1 A VAL 62 ? CG1 ? A VAL 70 CG1 
186 1 Y 1 A VAL 62 ? CG2 ? A VAL 70 CG2 
187 1 Y 1 A ILE 63 ? CG1 ? A ILE 71 CG1 
188 1 Y 1 A ILE 63 ? CG2 ? A ILE 71 CG2 
189 1 Y 1 A ILE 63 ? CD1 ? A ILE 71 CD1 
190 1 Y 1 A PRO 64 ? CG  ? A PRO 72 CG  
191 1 Y 1 A PRO 64 ? CD  ? A PRO 72 CD  
192 1 Y 1 A VAL 65 ? CG1 ? A VAL 73 CG1 
193 1 Y 1 A VAL 65 ? CG2 ? A VAL 73 CG2 
194 1 Y 1 A VAL 66 ? CG1 ? A VAL 74 CG1 
195 1 Y 1 A VAL 66 ? CG2 ? A VAL 74 CG2 
196 1 Y 1 A SER 67 ? OG  ? A SER 75 OG  
# 
_cell.entry_id           1SF0 
_cell.length_a           1.000 
_cell.length_b           1.000 
_cell.length_c           1.000 
_cell.angle_alpha        90.00 
_cell.angle_beta         90.00 
_cell.angle_gamma        90.00 
_cell.Z_PDB              1 
_cell.pdbx_unique_axis   ? 
# 
_symmetry.entry_id                         1SF0 
_symmetry.space_group_name_H-M             'P 1' 
_symmetry.pdbx_full_space_group_name_H-M   ? 
_symmetry.cell_setting                     ? 
_symmetry.Int_Tables_number                1 
# 
_exptl.entry_id          1SF0 
_exptl.method            'SOLUTION NMR' 
_exptl.crystals_number   ? 
# 
_exptl_crystal.id                    1 
_exptl_crystal.density_meas          ? 
_exptl_crystal.density_percent_sol   ? 
_exptl_crystal.density_Matthews      ? 
_exptl_crystal.description           ? 
# 
_diffrn.id                     1 
_diffrn.ambient_temp           ? 
_diffrn.ambient_temp_details   ? 
_diffrn.crystal_id             1 
# 
_diffrn_radiation.diffrn_id                        1 
_diffrn_radiation.wavelength_id                    1 
_diffrn_radiation.monochromator                    ? 
_diffrn_radiation.pdbx_monochromatic_or_laue_m_l   M 
_diffrn_radiation.pdbx_diffrn_protocol             'SINGLE WAVELENGTH' 
_diffrn_radiation.pdbx_scattering_type             x-ray 
# 
_diffrn_radiation_wavelength.id           1 
_diffrn_radiation_wavelength.wavelength   . 
_diffrn_radiation_wavelength.wt           1.0 
# 
_struct.entry_id                  1SF0 
_struct.title                     'BACKBONE SOLUTION STRUCTURE OF MIXED ALPHA/BETA PROTEIN PF1061' 
_struct.pdbx_model_details        ? 
_struct.pdbx_CASP_flag            ? 
_struct.pdbx_model_type_details   ? 
# 
_struct_keywords.entry_id        1SF0 
_struct_keywords.pdbx_keywords   'STRUCTURAL GENOMICS, UNKNOWN FUNCTION' 
_struct_keywords.text            
;RESIDUAL DIPOLAR COUPLINGS, STRUCTURAL GENOMICS, PSI, Protein Structure Initiative, Southeast Collaboratory for Structural Genomics, SECSG, UNKNOWN FUNCTION
;
# 
_struct_asym.id                            A 
_struct_asym.pdbx_blank_PDB_chainid_flag   N 
_struct_asym.pdbx_modified                 N 
_struct_asym.entity_id                     1 
_struct_asym.details                       ? 
# 
_struct_ref.id                         1 
_struct_ref.db_name                    UNP 
_struct_ref.db_code                    Q8U1Z3_PYRFU 
_struct_ref.pdbx_db_accession          Q8U1Z3 
_struct_ref.entity_id                  1 
_struct_ref.pdbx_seq_one_letter_code   KMIKVKVIGRNIEKEIEWREGMKVRDILRAVGFNTESAIAKVNGKVVLEDDEVKDGDFVEVIPVVSGG 
_struct_ref.pdbx_align_begin           4 
_struct_ref.pdbx_db_isoform            ? 
# 
_struct_ref_seq.align_id                      1 
_struct_ref_seq.ref_id                        1 
_struct_ref_seq.pdbx_PDB_id_code              1SF0 
_struct_ref_seq.pdbx_strand_id                A 
_struct_ref_seq.seq_align_beg                 10 
_struct_ref_seq.pdbx_seq_align_beg_ins_code   ? 
_struct_ref_seq.seq_align_end                 77 
_struct_ref_seq.pdbx_seq_align_end_ins_code   ? 
_struct_ref_seq.pdbx_db_accession             Q8U1Z3 
_struct_ref_seq.db_align_beg                  4 
_struct_ref_seq.pdbx_db_align_beg_ins_code    ? 
_struct_ref_seq.db_align_end                  71 
_struct_ref_seq.pdbx_db_align_end_ins_code    ? 
_struct_ref_seq.pdbx_auth_seq_align_beg       2 
_struct_ref_seq.pdbx_auth_seq_align_end       69 
# 
loop_
_struct_ref_seq_dif.align_id 
_struct_ref_seq_dif.pdbx_pdb_id_code 
_struct_ref_seq_dif.mon_id 
_struct_ref_seq_dif.pdbx_pdb_strand_id 
_struct_ref_seq_dif.seq_num 
_struct_ref_seq_dif.pdbx_pdb_ins_code 
_struct_ref_seq_dif.pdbx_seq_db_name 
_struct_ref_seq_dif.pdbx_seq_db_accession_code 
_struct_ref_seq_dif.db_mon_id 
_struct_ref_seq_dif.pdbx_seq_db_seq_num 
_struct_ref_seq_dif.details 
_struct_ref_seq_dif.pdbx_auth_seq_num 
_struct_ref_seq_dif.pdbx_ordinal 
1 1SF0 ALA A 1 ? UNP Q8U1Z3 ? ? 'cloning artifact' -7 1 
1 1SF0 HIS A 2 ? UNP Q8U1Z3 ? ? 'expression tag'   -6 2 
1 1SF0 HIS A 3 ? UNP Q8U1Z3 ? ? 'expression tag'   -5 3 
1 1SF0 HIS A 4 ? UNP Q8U1Z3 ? ? 'expression tag'   -4 4 
1 1SF0 HIS A 5 ? UNP Q8U1Z3 ? ? 'expression tag'   -3 5 
1 1SF0 HIS A 6 ? UNP Q8U1Z3 ? ? 'expression tag'   -2 6 
1 1SF0 HIS A 7 ? UNP Q8U1Z3 ? ? 'expression tag'   -1 7 
1 1SF0 GLY A 8 ? UNP Q8U1Z3 ? ? 'cloning artifact' 0  8 
1 1SF0 SER A 9 ? UNP Q8U1Z3 ? ? 'cloning artifact' 1  9 
# 
_pdbx_struct_assembly.id                   1 
_pdbx_struct_assembly.details              author_defined_assembly 
_pdbx_struct_assembly.method_details       ? 
_pdbx_struct_assembly.oligomeric_details   monomeric 
_pdbx_struct_assembly.oligomeric_count     1 
# 
_pdbx_struct_assembly_gen.assembly_id       1 
_pdbx_struct_assembly_gen.oper_expression   1 
_pdbx_struct_assembly_gen.asym_id_list      A 
# 
_pdbx_struct_oper_list.id                   1 
_pdbx_struct_oper_list.type                 'identity operation' 
_pdbx_struct_oper_list.name                 1_555 
_pdbx_struct_oper_list.symmetry_operation   x,y,z 
_pdbx_struct_oper_list.matrix[1][1]         1.0000000000 
_pdbx_struct_oper_list.matrix[1][2]         0.0000000000 
_pdbx_struct_oper_list.matrix[1][3]         0.0000000000 
_pdbx_struct_oper_list.vector[1]            0.0000000000 
_pdbx_struct_oper_list.matrix[2][1]         0.0000000000 
_pdbx_struct_oper_list.matrix[2][2]         1.0000000000 
_pdbx_struct_oper_list.matrix[2][3]         0.0000000000 
_pdbx_struct_oper_list.vector[2]            0.0000000000 
_pdbx_struct_oper_list.matrix[3][1]         0.0000000000 
_pdbx_struct_oper_list.matrix[3][2]         0.0000000000 
_pdbx_struct_oper_list.matrix[3][3]         1.0000000000 
_pdbx_struct_oper_list.vector[3]            0.0000000000 
# 
_struct_biol.id   1 
# 
_struct_conf.conf_type_id            HELX_P 
_struct_conf.id                      HELX_P1 
_struct_conf.pdbx_PDB_helix_id       1 
_struct_conf.beg_label_comp_id       LYS 
_struct_conf.beg_label_asym_id       A 
_struct_conf.beg_label_seq_id        32 
_struct_conf.pdbx_beg_PDB_ins_code   ? 
_struct_conf.end_label_comp_id       ALA 
_struct_conf.end_label_asym_id       A 
_struct_conf.end_label_seq_id        39 
_struct_conf.pdbx_end_PDB_ins_code   ? 
_struct_conf.beg_auth_comp_id        LYS 
_struct_conf.beg_auth_asym_id        A 
_struct_conf.beg_auth_seq_id         24 
_struct_conf.end_auth_comp_id        ALA 
_struct_conf.end_auth_asym_id        A 
_struct_conf.end_auth_seq_id         31 
_struct_conf.pdbx_PDB_helix_class    1 
_struct_conf.details                 ? 
_struct_conf.pdbx_PDB_helix_length   8 
# 
_struct_conf_type.id          HELX_P 
_struct_conf_type.criteria    ? 
_struct_conf_type.reference   ? 
# 
loop_
_struct_sheet.id 
_struct_sheet.type 
_struct_sheet.number_strands 
_struct_sheet.details 
A ? 2 ? 
B ? 2 ? 
# 
loop_
_struct_sheet_order.sheet_id 
_struct_sheet_order.range_id_1 
_struct_sheet_order.range_id_2 
_struct_sheet_order.offset 
_struct_sheet_order.sense 
A 1 2 ? parallel      
B 1 2 ? anti-parallel 
# 
loop_
_struct_sheet_range.sheet_id 
_struct_sheet_range.id 
_struct_sheet_range.beg_label_comp_id 
_struct_sheet_range.beg_label_asym_id 
_struct_sheet_range.beg_label_seq_id 
_struct_sheet_range.pdbx_beg_PDB_ins_code 
_struct_sheet_range.end_label_comp_id 
_struct_sheet_range.end_label_asym_id 
_struct_sheet_range.end_label_seq_id 
_struct_sheet_range.pdbx_end_PDB_ins_code 
_struct_sheet_range.beg_auth_comp_id 
_struct_sheet_range.beg_auth_asym_id 
_struct_sheet_range.beg_auth_seq_id 
_struct_sheet_range.end_auth_comp_id 
_struct_sheet_range.end_auth_asym_id 
_struct_sheet_range.end_auth_seq_id 
A 1 LYS A 13 ? LYS A 15 ? LYS A 5  LYS A 7  
A 2 PHE A 67 ? GLU A 69 ? PHE A 59 GLU A 61 
B 1 LYS A 50 ? VAL A 51 ? LYS A 42 VAL A 43 
B 2 LYS A 54 ? VAL A 55 ? LYS A 46 VAL A 47 
# 
loop_
_pdbx_struct_sheet_hbond.sheet_id 
_pdbx_struct_sheet_hbond.range_id_1 
_pdbx_struct_sheet_hbond.range_id_2 
_pdbx_struct_sheet_hbond.range_1_label_atom_id 
_pdbx_struct_sheet_hbond.range_1_label_comp_id 
_pdbx_struct_sheet_hbond.range_1_label_asym_id 
_pdbx_struct_sheet_hbond.range_1_label_seq_id 
_pdbx_struct_sheet_hbond.range_1_PDB_ins_code 
_pdbx_struct_sheet_hbond.range_1_auth_atom_id 
_pdbx_struct_sheet_hbond.range_1_auth_comp_id 
_pdbx_struct_sheet_hbond.range_1_auth_asym_id 
_pdbx_struct_sheet_hbond.range_1_auth_seq_id 
_pdbx_struct_sheet_hbond.range_2_label_atom_id 
_pdbx_struct_sheet_hbond.range_2_label_comp_id 
_pdbx_struct_sheet_hbond.range_2_label_asym_id 
_pdbx_struct_sheet_hbond.range_2_label_seq_id 
_pdbx_struct_sheet_hbond.range_2_PDB_ins_code 
_pdbx_struct_sheet_hbond.range_2_auth_atom_id 
_pdbx_struct_sheet_hbond.range_2_auth_comp_id 
_pdbx_struct_sheet_hbond.range_2_auth_asym_id 
_pdbx_struct_sheet_hbond.range_2_auth_seq_id 
A 1 2 N LYS A 13 ? N LYS A 5  O VAL A 68 ? O VAL A 60 
B 1 2 N VAL A 51 ? N VAL A 43 O LYS A 54 ? O LYS A 46 
# 
loop_
_pdbx_validate_torsion.id 
_pdbx_validate_torsion.PDB_model_num 
_pdbx_validate_torsion.auth_comp_id 
_pdbx_validate_torsion.auth_asym_id 
_pdbx_validate_torsion.auth_seq_id 
_pdbx_validate_torsion.PDB_ins_code 
_pdbx_validate_torsion.label_alt_id 
_pdbx_validate_torsion.phi 
_pdbx_validate_torsion.psi 
1  1 ASN A 12 ? ? 79.65   57.32   
2  1 GLU A 16 ? ? -36.43  156.77  
3  1 GLU A 18 ? ? -72.02  -133.49 
4  1 ARG A 20 ? ? -140.65 -91.88  
5  1 GLU A 21 ? ? 157.74  118.90  
6  1 MET A 23 ? ? -59.11  -167.60 
7  1 LYS A 24 ? ? -173.39 141.33  
8  1 ASN A 35 ? ? -77.73  47.68   
9  1 SER A 38 ? ? -98.32  55.97   
10 1 ALA A 39 ? ? 154.90  158.42  
11 1 GLU A 53 ? ? -39.20  156.18  
12 1 LYS A 55 ? ? -149.20 -149.87 
13 1 ASP A 56 ? ? 31.40   30.77   
14 1 PHE A 59 ? ? -81.81  -148.94 
15 1 ILE A 63 ? ? 152.29  149.30  
16 1 PRO A 64 ? ? -41.16  84.87   
17 1 VAL A 65 ? ? -92.48  31.51   
18 1 SER A 67 ? ? -174.20 139.86  
# 
_pdbx_SG_project.id                    1 
_pdbx_SG_project.project_name          'PSI, Protein Structure Initiative' 
_pdbx_SG_project.full_name_of_center   'Southeast Collaboratory for Structural Genomics' 
_pdbx_SG_project.initial_of_center     SECSG 
# 
_pdbx_nmr_ensemble.entry_id                                      1SF0 
_pdbx_nmr_ensemble.conformers_calculated_total_number            1 
_pdbx_nmr_ensemble.conformers_submitted_total_number             1 
_pdbx_nmr_ensemble.conformer_selection_criteria                  'structures with the least restraint violations' 
_pdbx_nmr_ensemble.average_constraints_per_residue               ? 
_pdbx_nmr_ensemble.average_constraint_violations_per_residue     ? 
_pdbx_nmr_ensemble.maximum_distance_constraint_violation         ? 
_pdbx_nmr_ensemble.average_distance_constraint_violation         ? 
_pdbx_nmr_ensemble.maximum_upper_distance_constraint_violation   ? 
_pdbx_nmr_ensemble.maximum_lower_distance_constraint_violation   ? 
_pdbx_nmr_ensemble.distance_constraint_violation_method          ? 
_pdbx_nmr_ensemble.maximum_torsion_angle_constraint_violation    ? 
_pdbx_nmr_ensemble.average_torsion_angle_constraint_violation    ? 
_pdbx_nmr_ensemble.torsion_angle_constraint_violation_method     ? 
# 
_pdbx_nmr_representative.entry_id             1SF0 
_pdbx_nmr_representative.conformer_id         1 
_pdbx_nmr_representative.selection_criteria   'fewest violations' 
# 
loop_
_pdbx_nmr_sample_details.solution_id 
_pdbx_nmr_sample_details.contents 
_pdbx_nmr_sample_details.solvent_system 
1 '1 MM 1016054 U-15N, 16% 13C 50 MM PHOSPHATE BUFFER; 200 MM KCL; 90% H2O, 10% D2O;' '90% H2O/10% D2O' 
2 
'0.5 MM 1016054 U-15N, 16% 13C; 50 MM PHOSPHATE BUFFER; 100 MM KCL; PEG BICELLES (C12E5-HEXANOL IN 0.98 RATIO); 90% H2O, 10% D2O;' 
'PEG BICELLES (C12E5-HEXANOL IN 0.98 RATIO); 90% H2O, 10% D2O'            
3 
;0.5 MM 1016054 U-15N, 16% 13C; 50 MM PHOSPHATE BUFFER; 100 MM KCL; PEG-CTAB (27:1)BICELLES (C12E5-HEXANOL IN 0.87 RATIO); 90% H2O, 10% D2O
;
'PEG-CTAB (27:1)BICELLES (C12E5-HEXANOL IN 0.87 RATIO); 90% H2O, 10% D2O' 
# 
loop_
_pdbx_nmr_exptl_sample_conditions.conditions_id 
_pdbx_nmr_exptl_sample_conditions.temperature 
_pdbx_nmr_exptl_sample_conditions.pressure 
_pdbx_nmr_exptl_sample_conditions.pH 
_pdbx_nmr_exptl_sample_conditions.ionic_strength 
_pdbx_nmr_exptl_sample_conditions.pressure_units 
_pdbx_nmr_exptl_sample_conditions.temperature_units 
1 298 AMBIENT 5.5 '200 mM KCL' ? K 
2 300 ambient 6   '100 mM KCl' ? K 
3 293 ambient 6   '100 mM KCl' ? K 
# 
loop_
_pdbx_nmr_exptl.experiment_id 
_pdbx_nmr_exptl.conditions_id 
_pdbx_nmr_exptl.type 
_pdbx_nmr_exptl.solution_id 
1  1 'SOFT HNCA-E.COSY'        1 
2  1 'MODIFIED HNCO'           1 
3  1 '15N COUPLED HSQC'        1 
4  1 '3D_15N -SEPARATED_NOESY' 1 
5  1 '3D_15N- SEPARATED_TOCSY' 1 
6  2 'soft HNCA-E.COSY'        2 
7  2 'modified HNCO'           2 
8  2 '15N coupled HSQC'        2 
9  3 'soft HNCA-E.COSY'        3 
10 3 '15N coupled HSQC'        3 
# 
_pdbx_nmr_details.entry_id   1SF0 
_pdbx_nmr_details.text       
;THIS STRUCTURE WAS DETERMINED USING PREDOMINANTLY RESIDUAL DIPOLAR COUPLINGS FROM BACKBONE ATOM PAIRS. IT IS A BACKBONE STRUCTURE MODELED AS AN ALA-GLY-PRO POLYPEPTIDE.
;
# 
_pdbx_nmr_refine.entry_id           1SF0 
_pdbx_nmr_refine.method             'RDC DIRECTED FRAGMENT ASSEMBLY' 
_pdbx_nmr_refine.details            
;RDCS WERE USED IN THE INITIAL ASSEMBLY OF FOUR FRAGMENTS. RDCS FROM TWO MEDIA WERE USED TO SET RELATIVE ORIENTATIONS OF THE FRAGMENTS. TRANSLATIONAL RELATIONSHIPS OF FRAGMENTS WERE DICTATED BY SEQUENCE CONNECTIVITIES AND LONG-RANGE NOES. THE ASSEMBLED STRUCTURE WAS MINIMIZED USING A MOLECULAR FORCE FIELD AND RDC ERROR FUNCTION. A TOTAL OF 486 RESTRAINTS WERE USED: 380 RESIDUAL DIPOLAR COUPLING RESTRAINTS, 85 NOE RESTRAINTS (OF WHICH 64 WERE SEQUENTIAL, 11 SHORT-RANGE AND 10 LONG-RANGE), AND 21 DIHEDRAL RESTRAINTS. ALL SIDECHAIN ATOMS BEYOND CB ARE MISSING.
;
_pdbx_nmr_refine.software_ordinal   1 
# 
loop_
_pdbx_nmr_software.classification 
_pdbx_nmr_software.name 
_pdbx_nmr_software.version 
_pdbx_nmr_software.authors 
_pdbx_nmr_software.ordinal 
refinement           XPLOR-NIH 2.9.1 'SCHWIETERS, KUSZEWSKI, Tjandra, Clore'                                    1 
'structure solution' NMRPipe   5.0.4 'Delaglio, F., Grzesiek, S., Vuister, G.W., Zhu, G., Pfeifer, J., Bax, A.' 2 
'structure solution' REDcRAFT  1.0   'Homayoun Valafar, James Prestegard'                                       3 
'structure solution' REDCAT    1.0   'Homayoun Valafar, James Prestegard'                                       4 
# 
loop_
_pdbx_unobs_or_zero_occ_residues.id 
_pdbx_unobs_or_zero_occ_residues.PDB_model_num 
_pdbx_unobs_or_zero_occ_residues.polymer_flag 
_pdbx_unobs_or_zero_occ_residues.occupancy_flag 
_pdbx_unobs_or_zero_occ_residues.auth_asym_id 
_pdbx_unobs_or_zero_occ_residues.auth_comp_id 
_pdbx_unobs_or_zero_occ_residues.auth_seq_id 
_pdbx_unobs_or_zero_occ_residues.PDB_ins_code 
_pdbx_unobs_or_zero_occ_residues.label_asym_id 
_pdbx_unobs_or_zero_occ_residues.label_comp_id 
_pdbx_unobs_or_zero_occ_residues.label_seq_id 
1 1 Y 1 A ALA -7 ? A ALA 1 
2 1 Y 1 A HIS -6 ? A HIS 2 
3 1 Y 1 A HIS -5 ? A HIS 3 
4 1 Y 1 A HIS -4 ? A HIS 4 
5 1 Y 1 A HIS -3 ? A HIS 5 
6 1 Y 1 A HIS -2 ? A HIS 6 
7 1 Y 1 A HIS -1 ? A HIS 7 
8 1 Y 1 A GLY 0  ? A GLY 8 
9 1 Y 1 A SER 1  ? A SER 9 
# 
loop_
_chem_comp_atom.comp_id 
_chem_comp_atom.atom_id 
_chem_comp_atom.type_symbol 
_chem_comp_atom.pdbx_aromatic_flag 
_chem_comp_atom.pdbx_stereo_config 
_chem_comp_atom.pdbx_ordinal 
ALA N    N N N 1   
ALA CA   C N S 2   
ALA C    C N N 3   
ALA O    O N N 4   
ALA CB   C N N 5   
ALA OXT  O N N 6   
ALA H    H N N 7   
ALA H2   H N N 8   
ALA HA   H N N 9   
ALA HB1  H N N 10  
ALA HB2  H N N 11  
ALA HB3  H N N 12  
ALA HXT  H N N 13  
ARG N    N N N 14  
ARG CA   C N S 15  
ARG C    C N N 16  
ARG O    O N N 17  
ARG CB   C N N 18  
ARG CG   C N N 19  
ARG CD   C N N 20  
ARG NE   N N N 21  
ARG CZ   C N N 22  
ARG NH1  N N N 23  
ARG NH2  N N N 24  
ARG OXT  O N N 25  
ARG H    H N N 26  
ARG H2   H N N 27  
ARG HA   H N N 28  
ARG HB2  H N N 29  
ARG HB3  H N N 30  
ARG HG2  H N N 31  
ARG HG3  H N N 32  
ARG HD2  H N N 33  
ARG HD3  H N N 34  
ARG HE   H N N 35  
ARG HH11 H N N 36  
ARG HH12 H N N 37  
ARG HH21 H N N 38  
ARG HH22 H N N 39  
ARG HXT  H N N 40  
ASN N    N N N 41  
ASN CA   C N S 42  
ASN C    C N N 43  
ASN O    O N N 44  
ASN CB   C N N 45  
ASN CG   C N N 46  
ASN OD1  O N N 47  
ASN ND2  N N N 48  
ASN OXT  O N N 49  
ASN H    H N N 50  
ASN H2   H N N 51  
ASN HA   H N N 52  
ASN HB2  H N N 53  
ASN HB3  H N N 54  
ASN HD21 H N N 55  
ASN HD22 H N N 56  
ASN HXT  H N N 57  
ASP N    N N N 58  
ASP CA   C N S 59  
ASP C    C N N 60  
ASP O    O N N 61  
ASP CB   C N N 62  
ASP CG   C N N 63  
ASP OD1  O N N 64  
ASP OD2  O N N 65  
ASP OXT  O N N 66  
ASP H    H N N 67  
ASP H2   H N N 68  
ASP HA   H N N 69  
ASP HB2  H N N 70  
ASP HB3  H N N 71  
ASP HD2  H N N 72  
ASP HXT  H N N 73  
GLU N    N N N 74  
GLU CA   C N S 75  
GLU C    C N N 76  
GLU O    O N N 77  
GLU CB   C N N 78  
GLU CG   C N N 79  
GLU CD   C N N 80  
GLU OE1  O N N 81  
GLU OE2  O N N 82  
GLU OXT  O N N 83  
GLU H    H N N 84  
GLU H2   H N N 85  
GLU HA   H N N 86  
GLU HB2  H N N 87  
GLU HB3  H N N 88  
GLU HG2  H N N 89  
GLU HG3  H N N 90  
GLU HE2  H N N 91  
GLU HXT  H N N 92  
GLY N    N N N 93  
GLY CA   C N N 94  
GLY C    C N N 95  
GLY O    O N N 96  
GLY OXT  O N N 97  
GLY H    H N N 98  
GLY H2   H N N 99  
GLY HA2  H N N 100 
GLY HA3  H N N 101 
GLY HXT  H N N 102 
HIS N    N N N 103 
HIS CA   C N S 104 
HIS C    C N N 105 
HIS O    O N N 106 
HIS CB   C N N 107 
HIS CG   C Y N 108 
HIS ND1  N Y N 109 
HIS CD2  C Y N 110 
HIS CE1  C Y N 111 
HIS NE2  N Y N 112 
HIS OXT  O N N 113 
HIS H    H N N 114 
HIS H2   H N N 115 
HIS HA   H N N 116 
HIS HB2  H N N 117 
HIS HB3  H N N 118 
HIS HD1  H N N 119 
HIS HD2  H N N 120 
HIS HE1  H N N 121 
HIS HE2  H N N 122 
HIS HXT  H N N 123 
ILE N    N N N 124 
ILE CA   C N S 125 
ILE C    C N N 126 
ILE O    O N N 127 
ILE CB   C N S 128 
ILE CG1  C N N 129 
ILE CG2  C N N 130 
ILE CD1  C N N 131 
ILE OXT  O N N 132 
ILE H    H N N 133 
ILE H2   H N N 134 
ILE HA   H N N 135 
ILE HB   H N N 136 
ILE HG12 H N N 137 
ILE HG13 H N N 138 
ILE HG21 H N N 139 
ILE HG22 H N N 140 
ILE HG23 H N N 141 
ILE HD11 H N N 142 
ILE HD12 H N N 143 
ILE HD13 H N N 144 
ILE HXT  H N N 145 
LEU N    N N N 146 
LEU CA   C N S 147 
LEU C    C N N 148 
LEU O    O N N 149 
LEU CB   C N N 150 
LEU CG   C N N 151 
LEU CD1  C N N 152 
LEU CD2  C N N 153 
LEU OXT  O N N 154 
LEU H    H N N 155 
LEU H2   H N N 156 
LEU HA   H N N 157 
LEU HB2  H N N 158 
LEU HB3  H N N 159 
LEU HG   H N N 160 
LEU HD11 H N N 161 
LEU HD12 H N N 162 
LEU HD13 H N N 163 
LEU HD21 H N N 164 
LEU HD22 H N N 165 
LEU HD23 H N N 166 
LEU HXT  H N N 167 
LYS N    N N N 168 
LYS CA   C N S 169 
LYS C    C N N 170 
LYS O    O N N 171 
LYS CB   C N N 172 
LYS CG   C N N 173 
LYS CD   C N N 174 
LYS CE   C N N 175 
LYS NZ   N N N 176 
LYS OXT  O N N 177 
LYS H    H N N 178 
LYS H2   H N N 179 
LYS HA   H N N 180 
LYS HB2  H N N 181 
LYS HB3  H N N 182 
LYS HG2  H N N 183 
LYS HG3  H N N 184 
LYS HD2  H N N 185 
LYS HD3  H N N 186 
LYS HE2  H N N 187 
LYS HE3  H N N 188 
LYS HZ1  H N N 189 
LYS HZ2  H N N 190 
LYS HZ3  H N N 191 
LYS HXT  H N N 192 
MET N    N N N 193 
MET CA   C N S 194 
MET C    C N N 195 
MET O    O N N 196 
MET CB   C N N 197 
MET CG   C N N 198 
MET SD   S N N 199 
MET CE   C N N 200 
MET OXT  O N N 201 
MET H    H N N 202 
MET H2   H N N 203 
MET HA   H N N 204 
MET HB2  H N N 205 
MET HB3  H N N 206 
MET HG2  H N N 207 
MET HG3  H N N 208 
MET HE1  H N N 209 
MET HE2  H N N 210 
MET HE3  H N N 211 
MET HXT  H N N 212 
PHE N    N N N 213 
PHE CA   C N S 214 
PHE C    C N N 215 
PHE O    O N N 216 
PHE CB   C N N 217 
PHE CG   C Y N 218 
PHE CD1  C Y N 219 
PHE CD2  C Y N 220 
PHE CE1  C Y N 221 
PHE CE2  C Y N 222 
PHE CZ   C Y N 223 
PHE OXT  O N N 224 
PHE H    H N N 225 
PHE H2   H N N 226 
PHE HA   H N N 227 
PHE HB2  H N N 228 
PHE HB3  H N N 229 
PHE HD1  H N N 230 
PHE HD2  H N N 231 
PHE HE1  H N N 232 
PHE HE2  H N N 233 
PHE HZ   H N N 234 
PHE HXT  H N N 235 
PRO N    N N N 236 
PRO CA   C N S 237 
PRO C    C N N 238 
PRO O    O N N 239 
PRO CB   C N N 240 
PRO CG   C N N 241 
PRO CD   C N N 242 
PRO OXT  O N N 243 
PRO H    H N N 244 
PRO HA   H N N 245 
PRO HB2  H N N 246 
PRO HB3  H N N 247 
PRO HG2  H N N 248 
PRO HG3  H N N 249 
PRO HD2  H N N 250 
PRO HD3  H N N 251 
PRO HXT  H N N 252 
SER N    N N N 253 
SER CA   C N S 254 
SER C    C N N 255 
SER O    O N N 256 
SER CB   C N N 257 
SER OG   O N N 258 
SER OXT  O N N 259 
SER H    H N N 260 
SER H2   H N N 261 
SER HA   H N N 262 
SER HB2  H N N 263 
SER HB3  H N N 264 
SER HG   H N N 265 
SER HXT  H N N 266 
THR N    N N N 267 
THR CA   C N S 268 
THR C    C N N 269 
THR O    O N N 270 
THR CB   C N R 271 
THR OG1  O N N 272 
THR CG2  C N N 273 
THR OXT  O N N 274 
THR H    H N N 275 
THR H2   H N N 276 
THR HA   H N N 277 
THR HB   H N N 278 
THR HG1  H N N 279 
THR HG21 H N N 280 
THR HG22 H N N 281 
THR HG23 H N N 282 
THR HXT  H N N 283 
TRP N    N N N 284 
TRP CA   C N S 285 
TRP C    C N N 286 
TRP O    O N N 287 
TRP CB   C N N 288 
TRP CG   C Y N 289 
TRP CD1  C Y N 290 
TRP CD2  C Y N 291 
TRP NE1  N Y N 292 
TRP CE2  C Y N 293 
TRP CE3  C Y N 294 
TRP CZ2  C Y N 295 
TRP CZ3  C Y N 296 
TRP CH2  C Y N 297 
TRP OXT  O N N 298 
TRP H    H N N 299 
TRP H2   H N N 300 
TRP HA   H N N 301 
TRP HB2  H N N 302 
TRP HB3  H N N 303 
TRP HD1  H N N 304 
TRP HE1  H N N 305 
TRP HE3  H N N 306 
TRP HZ2  H N N 307 
TRP HZ3  H N N 308 
TRP HH2  H N N 309 
TRP HXT  H N N 310 
VAL N    N N N 311 
VAL CA   C N S 312 
VAL C    C N N 313 
VAL O    O N N 314 
VAL CB   C N N 315 
VAL CG1  C N N 316 
VAL CG2  C N N 317 
VAL OXT  O N N 318 
VAL H    H N N 319 
VAL H2   H N N 320 
VAL HA   H N N 321 
VAL HB   H N N 322 
VAL HG11 H N N 323 
VAL HG12 H N N 324 
VAL HG13 H N N 325 
VAL HG21 H N N 326 
VAL HG22 H N N 327 
VAL HG23 H N N 328 
VAL HXT  H N N 329 
# 
loop_
_chem_comp_bond.comp_id 
_chem_comp_bond.atom_id_1 
_chem_comp_bond.atom_id_2 
_chem_comp_bond.value_order 
_chem_comp_bond.pdbx_aromatic_flag 
_chem_comp_bond.pdbx_stereo_config 
_chem_comp_bond.pdbx_ordinal 
ALA N   CA   sing N N 1   
ALA N   H    sing N N 2   
ALA N   H2   sing N N 3   
ALA CA  C    sing N N 4   
ALA CA  CB   sing N N 5   
ALA CA  HA   sing N N 6   
ALA C   O    doub N N 7   
ALA C   OXT  sing N N 8   
ALA CB  HB1  sing N N 9   
ALA CB  HB2  sing N N 10  
ALA CB  HB3  sing N N 11  
ALA OXT HXT  sing N N 12  
ARG N   CA   sing N N 13  
ARG N   H    sing N N 14  
ARG N   H2   sing N N 15  
ARG CA  C    sing N N 16  
ARG CA  CB   sing N N 17  
ARG CA  HA   sing N N 18  
ARG C   O    doub N N 19  
ARG C   OXT  sing N N 20  
ARG CB  CG   sing N N 21  
ARG CB  HB2  sing N N 22  
ARG CB  HB3  sing N N 23  
ARG CG  CD   sing N N 24  
ARG CG  HG2  sing N N 25  
ARG CG  HG3  sing N N 26  
ARG CD  NE   sing N N 27  
ARG CD  HD2  sing N N 28  
ARG CD  HD3  sing N N 29  
ARG NE  CZ   sing N N 30  
ARG NE  HE   sing N N 31  
ARG CZ  NH1  sing N N 32  
ARG CZ  NH2  doub N N 33  
ARG NH1 HH11 sing N N 34  
ARG NH1 HH12 sing N N 35  
ARG NH2 HH21 sing N N 36  
ARG NH2 HH22 sing N N 37  
ARG OXT HXT  sing N N 38  
ASN N   CA   sing N N 39  
ASN N   H    sing N N 40  
ASN N   H2   sing N N 41  
ASN CA  C    sing N N 42  
ASN CA  CB   sing N N 43  
ASN CA  HA   sing N N 44  
ASN C   O    doub N N 45  
ASN C   OXT  sing N N 46  
ASN CB  CG   sing N N 47  
ASN CB  HB2  sing N N 48  
ASN CB  HB3  sing N N 49  
ASN CG  OD1  doub N N 50  
ASN CG  ND2  sing N N 51  
ASN ND2 HD21 sing N N 52  
ASN ND2 HD22 sing N N 53  
ASN OXT HXT  sing N N 54  
ASP N   CA   sing N N 55  
ASP N   H    sing N N 56  
ASP N   H2   sing N N 57  
ASP CA  C    sing N N 58  
ASP CA  CB   sing N N 59  
ASP CA  HA   sing N N 60  
ASP C   O    doub N N 61  
ASP C   OXT  sing N N 62  
ASP CB  CG   sing N N 63  
ASP CB  HB2  sing N N 64  
ASP CB  HB3  sing N N 65  
ASP CG  OD1  doub N N 66  
ASP CG  OD2  sing N N 67  
ASP OD2 HD2  sing N N 68  
ASP OXT HXT  sing N N 69  
GLU N   CA   sing N N 70  
GLU N   H    sing N N 71  
GLU N   H2   sing N N 72  
GLU CA  C    sing N N 73  
GLU CA  CB   sing N N 74  
GLU CA  HA   sing N N 75  
GLU C   O    doub N N 76  
GLU C   OXT  sing N N 77  
GLU CB  CG   sing N N 78  
GLU CB  HB2  sing N N 79  
GLU CB  HB3  sing N N 80  
GLU CG  CD   sing N N 81  
GLU CG  HG2  sing N N 82  
GLU CG  HG3  sing N N 83  
GLU CD  OE1  doub N N 84  
GLU CD  OE2  sing N N 85  
GLU OE2 HE2  sing N N 86  
GLU OXT HXT  sing N N 87  
GLY N   CA   sing N N 88  
GLY N   H    sing N N 89  
GLY N   H2   sing N N 90  
GLY CA  C    sing N N 91  
GLY CA  HA2  sing N N 92  
GLY CA  HA3  sing N N 93  
GLY C   O    doub N N 94  
GLY C   OXT  sing N N 95  
GLY OXT HXT  sing N N 96  
HIS N   CA   sing N N 97  
HIS N   H    sing N N 98  
HIS N   H2   sing N N 99  
HIS CA  C    sing N N 100 
HIS CA  CB   sing N N 101 
HIS CA  HA   sing N N 102 
HIS C   O    doub N N 103 
HIS C   OXT  sing N N 104 
HIS CB  CG   sing N N 105 
HIS CB  HB2  sing N N 106 
HIS CB  HB3  sing N N 107 
HIS CG  ND1  sing Y N 108 
HIS CG  CD2  doub Y N 109 
HIS ND1 CE1  doub Y N 110 
HIS ND1 HD1  sing N N 111 
HIS CD2 NE2  sing Y N 112 
HIS CD2 HD2  sing N N 113 
HIS CE1 NE2  sing Y N 114 
HIS CE1 HE1  sing N N 115 
HIS NE2 HE2  sing N N 116 
HIS OXT HXT  sing N N 117 
ILE N   CA   sing N N 118 
ILE N   H    sing N N 119 
ILE N   H2   sing N N 120 
ILE CA  C    sing N N 121 
ILE CA  CB   sing N N 122 
ILE CA  HA   sing N N 123 
ILE C   O    doub N N 124 
ILE C   OXT  sing N N 125 
ILE CB  CG1  sing N N 126 
ILE CB  CG2  sing N N 127 
ILE CB  HB   sing N N 128 
ILE CG1 CD1  sing N N 129 
ILE CG1 HG12 sing N N 130 
ILE CG1 HG13 sing N N 131 
ILE CG2 HG21 sing N N 132 
ILE CG2 HG22 sing N N 133 
ILE CG2 HG23 sing N N 134 
ILE CD1 HD11 sing N N 135 
ILE CD1 HD12 sing N N 136 
ILE CD1 HD13 sing N N 137 
ILE OXT HXT  sing N N 138 
LEU N   CA   sing N N 139 
LEU N   H    sing N N 140 
LEU N   H2   sing N N 141 
LEU CA  C    sing N N 142 
LEU CA  CB   sing N N 143 
LEU CA  HA   sing N N 144 
LEU C   O    doub N N 145 
LEU C   OXT  sing N N 146 
LEU CB  CG   sing N N 147 
LEU CB  HB2  sing N N 148 
LEU CB  HB3  sing N N 149 
LEU CG  CD1  sing N N 150 
LEU CG  CD2  sing N N 151 
LEU CG  HG   sing N N 152 
LEU CD1 HD11 sing N N 153 
LEU CD1 HD12 sing N N 154 
LEU CD1 HD13 sing N N 155 
LEU CD2 HD21 sing N N 156 
LEU CD2 HD22 sing N N 157 
LEU CD2 HD23 sing N N 158 
LEU OXT HXT  sing N N 159 
LYS N   CA   sing N N 160 
LYS N   H    sing N N 161 
LYS N   H2   sing N N 162 
LYS CA  C    sing N N 163 
LYS CA  CB   sing N N 164 
LYS CA  HA   sing N N 165 
LYS C   O    doub N N 166 
LYS C   OXT  sing N N 167 
LYS CB  CG   sing N N 168 
LYS CB  HB2  sing N N 169 
LYS CB  HB3  sing N N 170 
LYS CG  CD   sing N N 171 
LYS CG  HG2  sing N N 172 
LYS CG  HG3  sing N N 173 
LYS CD  CE   sing N N 174 
LYS CD  HD2  sing N N 175 
LYS CD  HD3  sing N N 176 
LYS CE  NZ   sing N N 177 
LYS CE  HE2  sing N N 178 
LYS CE  HE3  sing N N 179 
LYS NZ  HZ1  sing N N 180 
LYS NZ  HZ2  sing N N 181 
LYS NZ  HZ3  sing N N 182 
LYS OXT HXT  sing N N 183 
MET N   CA   sing N N 184 
MET N   H    sing N N 185 
MET N   H2   sing N N 186 
MET CA  C    sing N N 187 
MET CA  CB   sing N N 188 
MET CA  HA   sing N N 189 
MET C   O    doub N N 190 
MET C   OXT  sing N N 191 
MET CB  CG   sing N N 192 
MET CB  HB2  sing N N 193 
MET CB  HB3  sing N N 194 
MET CG  SD   sing N N 195 
MET CG  HG2  sing N N 196 
MET CG  HG3  sing N N 197 
MET SD  CE   sing N N 198 
MET CE  HE1  sing N N 199 
MET CE  HE2  sing N N 200 
MET CE  HE3  sing N N 201 
MET OXT HXT  sing N N 202 
PHE N   CA   sing N N 203 
PHE N   H    sing N N 204 
PHE N   H2   sing N N 205 
PHE CA  C    sing N N 206 
PHE CA  CB   sing N N 207 
PHE CA  HA   sing N N 208 
PHE C   O    doub N N 209 
PHE C   OXT  sing N N 210 
PHE CB  CG   sing N N 211 
PHE CB  HB2  sing N N 212 
PHE CB  HB3  sing N N 213 
PHE CG  CD1  doub Y N 214 
PHE CG  CD2  sing Y N 215 
PHE CD1 CE1  sing Y N 216 
PHE CD1 HD1  sing N N 217 
PHE CD2 CE2  doub Y N 218 
PHE CD2 HD2  sing N N 219 
PHE CE1 CZ   doub Y N 220 
PHE CE1 HE1  sing N N 221 
PHE CE2 CZ   sing Y N 222 
PHE CE2 HE2  sing N N 223 
PHE CZ  HZ   sing N N 224 
PHE OXT HXT  sing N N 225 
PRO N   CA   sing N N 226 
PRO N   CD   sing N N 227 
PRO N   H    sing N N 228 
PRO CA  C    sing N N 229 
PRO CA  CB   sing N N 230 
PRO CA  HA   sing N N 231 
PRO C   O    doub N N 232 
PRO C   OXT  sing N N 233 
PRO CB  CG   sing N N 234 
PRO CB  HB2  sing N N 235 
PRO CB  HB3  sing N N 236 
PRO CG  CD   sing N N 237 
PRO CG  HG2  sing N N 238 
PRO CG  HG3  sing N N 239 
PRO CD  HD2  sing N N 240 
PRO CD  HD3  sing N N 241 
PRO OXT HXT  sing N N 242 
SER N   CA   sing N N 243 
SER N   H    sing N N 244 
SER N   H2   sing N N 245 
SER CA  C    sing N N 246 
SER CA  CB   sing N N 247 
SER CA  HA   sing N N 248 
SER C   O    doub N N 249 
SER C   OXT  sing N N 250 
SER CB  OG   sing N N 251 
SER CB  HB2  sing N N 252 
SER CB  HB3  sing N N 253 
SER OG  HG   sing N N 254 
SER OXT HXT  sing N N 255 
THR N   CA   sing N N 256 
THR N   H    sing N N 257 
THR N   H2   sing N N 258 
THR CA  C    sing N N 259 
THR CA  CB   sing N N 260 
THR CA  HA   sing N N 261 
THR C   O    doub N N 262 
THR C   OXT  sing N N 263 
THR CB  OG1  sing N N 264 
THR CB  CG2  sing N N 265 
THR CB  HB   sing N N 266 
THR OG1 HG1  sing N N 267 
THR CG2 HG21 sing N N 268 
THR CG2 HG22 sing N N 269 
THR CG2 HG23 sing N N 270 
THR OXT HXT  sing N N 271 
TRP N   CA   sing N N 272 
TRP N   H    sing N N 273 
TRP N   H2   sing N N 274 
TRP CA  C    sing N N 275 
TRP CA  CB   sing N N 276 
TRP CA  HA   sing N N 277 
TRP C   O    doub N N 278 
TRP C   OXT  sing N N 279 
TRP CB  CG   sing N N 280 
TRP CB  HB2  sing N N 281 
TRP CB  HB3  sing N N 282 
TRP CG  CD1  doub Y N 283 
TRP CG  CD2  sing Y N 284 
TRP CD1 NE1  sing Y N 285 
TRP CD1 HD1  sing N N 286 
TRP CD2 CE2  doub Y N 287 
TRP CD2 CE3  sing Y N 288 
TRP NE1 CE2  sing Y N 289 
TRP NE1 HE1  sing N N 290 
TRP CE2 CZ2  sing Y N 291 
TRP CE3 CZ3  doub Y N 292 
TRP CE3 HE3  sing N N 293 
TRP CZ2 CH2  doub Y N 294 
TRP CZ2 HZ2  sing N N 295 
TRP CZ3 CH2  sing Y N 296 
TRP CZ3 HZ3  sing N N 297 
TRP CH2 HH2  sing N N 298 
TRP OXT HXT  sing N N 299 
VAL N   CA   sing N N 300 
VAL N   H    sing N N 301 
VAL N   H2   sing N N 302 
VAL CA  C    sing N N 303 
VAL CA  CB   sing N N 304 
VAL CA  HA   sing N N 305 
VAL C   O    doub N N 306 
VAL C   OXT  sing N N 307 
VAL CB  CG1  sing N N 308 
VAL CB  CG2  sing N N 309 
VAL CB  HB   sing N N 310 
VAL CG1 HG11 sing N N 311 
VAL CG1 HG12 sing N N 312 
VAL CG1 HG13 sing N N 313 
VAL CG2 HG21 sing N N 314 
VAL CG2 HG22 sing N N 315 
VAL CG2 HG23 sing N N 316 
VAL OXT HXT  sing N N 317 
# 
loop_
_pdbx_nmr_spectrometer.spectrometer_id 
_pdbx_nmr_spectrometer.model 
_pdbx_nmr_spectrometer.manufacturer 
_pdbx_nmr_spectrometer.field_strength 
_pdbx_nmr_spectrometer.type 
1 INOVA Varian 800 ? 
2 INOVA Varian 600 ? 
# 
_atom_sites.entry_id                    1SF0 
_atom_sites.fract_transf_matrix[1][1]   1.000000 
_atom_sites.fract_transf_matrix[1][2]   0.000000 
_atom_sites.fract_transf_matrix[1][3]   0.000000 
_atom_sites.fract_transf_matrix[2][1]   0.000000 
_atom_sites.fract_transf_matrix[2][2]   1.000000 
_atom_sites.fract_transf_matrix[2][3]   0.000000 
_atom_sites.fract_transf_matrix[3][1]   0.000000 
_atom_sites.fract_transf_matrix[3][2]   0.000000 
_atom_sites.fract_transf_matrix[3][3]   1.000000 
_atom_sites.fract_transf_vector[1]      0.00000 
_atom_sites.fract_transf_vector[2]      0.00000 
_atom_sites.fract_transf_vector[3]      0.00000 
# 
loop_
_atom_type.symbol 
C 
H 
N 
O 
# 
loop_
_atom_site.group_PDB 
_atom_site.id 
_atom_site.type_symbol 
_atom_site.label_atom_id 
_atom_site.label_alt_id 
_atom_site.label_comp_id 
_atom_site.label_asym_id 
_atom_site.label_entity_id 
_atom_site.label_seq_id 
_atom_site.pdbx_PDB_ins_code 
_atom_site.Cartn_x 
_atom_site.Cartn_y 
_atom_site.Cartn_z 
_atom_site.occupancy 
_atom_site.B_iso_or_equiv 
_atom_site.pdbx_formal_charge 
_atom_site.auth_seq_id 
_atom_site.auth_comp_id 
_atom_site.auth_asym_id 
_atom_site.auth_atom_id 
_atom_site.pdbx_PDB_model_num 
ATOM 1   N N   . LYS A 1 10 ? 3.280   -14.574 1.942   1.00 0.00 ? 2  LYS A N   1 
ATOM 2   C CA  . LYS A 1 10 ? 2.494   -13.313 1.825   1.00 0.00 ? 2  LYS A CA  1 
ATOM 3   C C   . LYS A 1 10 ? 2.986   -12.516 0.615   1.00 0.00 ? 2  LYS A C   1 
ATOM 4   O O   . LYS A 1 10 ? 4.171   -12.331 0.421   1.00 0.00 ? 2  LYS A O   1 
ATOM 5   C CB  . LYS A 1 10 ? 2.678   -12.477 3.093   1.00 0.00 ? 2  LYS A CB  1 
ATOM 6   H H   . LYS A 1 10 ? 2.630   -15.384 2.004   1.00 0.00 ? 2  LYS A H   1 
ATOM 7   H HA  . LYS A 1 10 ? 1.448   -13.550 1.698   1.00 0.00 ? 2  LYS A HA  1 
ATOM 8   N N   . MET A 1 11 ? 2.083   -12.042 -0.200  1.00 0.00 ? 3  MET A N   1 
ATOM 9   C CA  . MET A 1 11 ? 2.496   -11.257 -1.396  1.00 0.00 ? 3  MET A CA  1 
ATOM 10  C C   . MET A 1 11 ? 1.788   -9.901  -1.387  1.00 0.00 ? 3  MET A C   1 
ATOM 11  O O   . MET A 1 11 ? 0.722   -9.748  -0.821  1.00 0.00 ? 3  MET A O   1 
ATOM 12  C CB  . MET A 1 11 ? 2.119   -12.022 -2.666  1.00 0.00 ? 3  MET A CB  1 
ATOM 13  H H   . MET A 1 11 ? 1.133   -12.204 -0.024  1.00 0.00 ? 3  MET A H   1 
ATOM 14  H HA  . MET A 1 11 ? 3.564   -11.100 -1.374  1.00 0.00 ? 3  MET A HA  1 
ATOM 15  N N   . ILE A 1 12 ? 2.375   -8.915  -2.006  1.00 0.00 ? 4  ILE A N   1 
ATOM 16  C CA  . ILE A 1 12 ? 1.741   -7.566  -2.033  1.00 0.00 ? 4  ILE A CA  1 
ATOM 17  C C   . ILE A 1 12 ? 1.775   -7.013  -3.459  1.00 0.00 ? 4  ILE A C   1 
ATOM 18  O O   . ILE A 1 12 ? 2.621   -7.371  -4.255  1.00 0.00 ? 4  ILE A O   1 
ATOM 19  C CB  . ILE A 1 12 ? 2.513   -6.625  -1.106  1.00 0.00 ? 4  ILE A CB  1 
ATOM 20  H H   . ILE A 1 12 ? 3.235   -9.061  -2.452  1.00 0.00 ? 4  ILE A H   1 
ATOM 21  H HA  . ILE A 1 12 ? 0.717   -7.636  -1.700  1.00 0.00 ? 4  ILE A HA  1 
ATOM 22  N N   . LYS A 1 13 ? 0.864   -6.138  -3.788  1.00 0.00 ? 5  LYS A N   1 
ATOM 23  C CA  . LYS A 1 13 ? 0.846   -5.557  -5.161  1.00 0.00 ? 5  LYS A CA  1 
ATOM 24  C C   . LYS A 1 13 ? 1.090   -4.050  -5.071  1.00 0.00 ? 5  LYS A C   1 
ATOM 25  O O   . LYS A 1 13 ? 0.378   -3.340  -4.389  1.00 0.00 ? 5  LYS A O   1 
ATOM 26  C CB  . LYS A 1 13 ? -0.516  -5.818  -5.809  1.00 0.00 ? 5  LYS A CB  1 
ATOM 27  H H   . LYS A 1 13 ? 0.192   -5.860  -3.130  1.00 0.00 ? 5  LYS A H   1 
ATOM 28  H HA  . LYS A 1 13 ? 1.624   -6.013  -5.757  1.00 0.00 ? 5  LYS A HA  1 
ATOM 29  N N   . VAL A 1 14 ? 2.091   -3.555  -5.746  1.00 0.00 ? 6  VAL A N   1 
ATOM 30  C CA  . VAL A 1 14 ? 2.377   -2.094  -5.687  1.00 0.00 ? 6  VAL A CA  1 
ATOM 31  C C   . VAL A 1 14 ? 1.821   -1.399  -6.932  1.00 0.00 ? 6  VAL A C   1 
ATOM 32  O O   . VAL A 1 14 ? 1.941   -1.891  -8.036  1.00 0.00 ? 6  VAL A O   1 
ATOM 33  C CB  . VAL A 1 14 ? 3.891   -1.875  -5.616  1.00 0.00 ? 6  VAL A CB  1 
ATOM 34  H H   . VAL A 1 14 ? 2.655   -4.146  -6.287  1.00 0.00 ? 6  VAL A H   1 
ATOM 35  H HA  . VAL A 1 14 ? 1.914   -1.676  -4.806  1.00 0.00 ? 6  VAL A HA  1 
ATOM 36  N N   . LYS A 1 15 ? 1.219   -0.254  -6.761  1.00 0.00 ? 7  LYS A N   1 
ATOM 37  C CA  . LYS A 1 15 ? 0.657   0.480   -7.929  1.00 0.00 ? 7  LYS A CA  1 
ATOM 38  C C   . LYS A 1 15 ? 0.794   1.985   -7.690  1.00 0.00 ? 7  LYS A C   1 
ATOM 39  O O   . LYS A 1 15 ? 0.778   2.446   -6.566  1.00 0.00 ? 7  LYS A O   1 
ATOM 40  C CB  . LYS A 1 15 ? -0.822  0.123   -8.094  1.00 0.00 ? 7  LYS A CB  1 
ATOM 41  H H   . LYS A 1 15 ? 1.136   0.126   -5.860  1.00 0.00 ? 7  LYS A H   1 
ATOM 42  H HA  . LYS A 1 15 ? 1.198   0.205   -8.823  1.00 0.00 ? 7  LYS A HA  1 
ATOM 43  N N   . VAL A 1 16 ? 0.931   2.758   -8.732  1.00 0.00 ? 8  VAL A N   1 
ATOM 44  C CA  . VAL A 1 16 ? 1.071   4.230   -8.546  1.00 0.00 ? 8  VAL A CA  1 
ATOM 45  C C   . VAL A 1 16 ? -0.314  4.880   -8.561  1.00 0.00 ? 8  VAL A C   1 
ATOM 46  O O   . VAL A 1 16 ? -1.229  4.404   -9.203  1.00 0.00 ? 8  VAL A O   1 
ATOM 47  C CB  . VAL A 1 16 ? 1.927   4.813   -9.673  1.00 0.00 ? 8  VAL A CB  1 
ATOM 48  H H   . VAL A 1 16 ? 0.943   2.372   -9.633  1.00 0.00 ? 8  VAL A H   1 
ATOM 49  H HA  . VAL A 1 16 ? 1.545   4.422   -7.596  1.00 0.00 ? 8  VAL A HA  1 
ATOM 50  N N   . ILE A 1 17 ? -0.478  5.963   -7.850  1.00 0.00 ? 9  ILE A N   1 
ATOM 51  C CA  . ILE A 1 17 ? -1.807  6.635   -7.819  1.00 0.00 ? 9  ILE A CA  1 
ATOM 52  C C   . ILE A 1 17 ? -2.385  6.698   -9.237  1.00 0.00 ? 9  ILE A C   1 
ATOM 53  O O   . ILE A 1 17 ? -1.873  7.389   -10.095 1.00 0.00 ? 9  ILE A O   1 
ATOM 54  C CB  . ILE A 1 17 ? -1.654  8.052   -7.263  1.00 0.00 ? 9  ILE A CB  1 
ATOM 55  H H   . ILE A 1 17 ? 0.272   6.327   -7.333  1.00 0.00 ? 9  ILE A H   1 
ATOM 56  H HA  . ILE A 1 17 ? -2.476  6.069   -7.187  1.00 0.00 ? 9  ILE A HA  1 
ATOM 57  N N   . GLY A 1 18 ? -3.450  5.986   -9.485  1.00 0.00 ? 10 GLY A N   1 
ATOM 58  C CA  . GLY A 1 18 ? -4.065  6.009   -10.843 1.00 0.00 ? 10 GLY A CA  1 
ATOM 59  C C   . GLY A 1 18 ? -3.087  5.435   -11.870 1.00 0.00 ? 10 GLY A C   1 
ATOM 60  O O   . GLY A 1 18 ? -2.939  5.957   -12.957 1.00 0.00 ? 10 GLY A O   1 
ATOM 61  H H   . GLY A 1 18 ? -3.850  5.439   -8.777  1.00 0.00 ? 10 GLY A H   1 
ATOM 62  H HA2 . GLY A 1 18 ? -4.968  5.416   -10.836 1.00 0.00 ? 10 GLY A HA2 1 
ATOM 63  H HA3 . GLY A 1 18 ? -4.305  7.026   -11.111 1.00 0.00 ? 10 GLY A HA3 1 
ATOM 64  N N   . ARG A 1 19 ? -2.420  4.363   -11.538 1.00 0.00 ? 11 ARG A N   1 
ATOM 65  C CA  . ARG A 1 19 ? -1.457  3.760   -12.503 1.00 0.00 ? 11 ARG A CA  1 
ATOM 66  C C   . ARG A 1 19 ? -2.094  2.535   -13.160 1.00 0.00 ? 11 ARG A C   1 
ATOM 67  O O   . ARG A 1 19 ? -1.741  2.155   -14.259 1.00 0.00 ? 11 ARG A O   1 
ATOM 68  C CB  . ARG A 1 19 ? -0.188  3.338   -11.759 1.00 0.00 ? 11 ARG A CB  1 
ATOM 69  H H   . ARG A 1 19 ? -2.554  3.955   -10.658 1.00 0.00 ? 11 ARG A H   1 
ATOM 70  H HA  . ARG A 1 19 ? -1.204  4.487   -13.260 1.00 0.00 ? 11 ARG A HA  1 
ATOM 71  N N   . ASN A 1 20 ? -3.030  1.915   -12.496 1.00 0.00 ? 12 ASN A N   1 
ATOM 72  C CA  . ASN A 1 20 ? -3.692  0.716   -13.080 1.00 0.00 ? 12 ASN A CA  1 
ATOM 73  C C   . ASN A 1 20 ? -2.793  -0.509  -12.891 1.00 0.00 ? 12 ASN A C   1 
ATOM 74  O O   . ASN A 1 20 ? -2.421  -1.166  -13.843 1.00 0.00 ? 12 ASN A O   1 
ATOM 75  C CB  . ASN A 1 20 ? -3.931  0.944   -14.574 1.00 0.00 ? 12 ASN A CB  1 
ATOM 76  H H   . ASN A 1 20 ? -3.301  2.239   -11.612 1.00 0.00 ? 12 ASN A H   1 
ATOM 77  H HA  . ASN A 1 20 ? -4.639  0.558   -12.586 1.00 0.00 ? 12 ASN A HA  1 
ATOM 78  N N   . ILE A 1 21 ? -2.438  -0.820  -11.675 1.00 0.00 ? 13 ILE A N   1 
ATOM 79  C CA  . ILE A 1 21 ? -1.561  -2.001  -11.441 1.00 0.00 ? 13 ILE A CA  1 
ATOM 80  C C   . ILE A 1 21 ? -2.278  -3.009  -10.540 1.00 0.00 ? 13 ILE A C   1 
ATOM 81  O O   . ILE A 1 21 ? -2.275  -2.894  -9.331  1.00 0.00 ? 13 ILE A O   1 
ATOM 82  C CB  . ILE A 1 21 ? -0.262  -1.550  -10.770 1.00 0.00 ? 13 ILE A CB  1 
ATOM 83  H H   . ILE A 1 21 ? -2.746  -0.278  -10.919 1.00 0.00 ? 13 ILE A H   1 
ATOM 84  H HA  . ILE A 1 21 ? -1.333  -2.470  -12.386 1.00 0.00 ? 13 ILE A HA  1 
ATOM 85  N N   . GLU A 1 22 ? -2.890  -4.000  -11.128 1.00 0.00 ? 14 GLU A N   1 
ATOM 86  C CA  . GLU A 1 22 ? -3.607  -5.027  -10.321 1.00 0.00 ? 14 GLU A CA  1 
ATOM 87  C C   . GLU A 1 22 ? -2.747  -6.289  -10.233 1.00 0.00 ? 14 GLU A C   1 
ATOM 88  O O   . GLU A 1 22 ? -2.264  -6.790  -11.228 1.00 0.00 ? 14 GLU A O   1 
ATOM 89  C CB  . GLU A 1 22 ? -4.938  -5.364  -10.994 1.00 0.00 ? 14 GLU A CB  1 
ATOM 90  H H   . GLU A 1 22 ? -2.874  -4.071  -12.106 1.00 0.00 ? 14 GLU A H   1 
ATOM 91  H HA  . GLU A 1 22 ? -3.793  -4.649  -9.326  1.00 0.00 ? 14 GLU A HA  1 
ATOM 92  N N   . LYS A 1 23 ? -2.553  -6.808  -9.051  1.00 0.00 ? 15 LYS A N   1 
ATOM 93  C CA  . LYS A 1 23 ? -1.722  -8.037  -8.911  1.00 0.00 ? 15 LYS A CA  1 
ATOM 94  C C   . LYS A 1 23 ? -2.168  -8.816  -7.672  1.00 0.00 ? 15 LYS A C   1 
ATOM 95  O O   . LYS A 1 23 ? -1.672  -8.595  -6.584  1.00 0.00 ? 15 LYS A O   1 
ATOM 96  C CB  . LYS A 1 23 ? -0.253  -7.639  -8.756  1.00 0.00 ? 15 LYS A CB  1 
ATOM 97  H H   . LYS A 1 23 ? -2.951  -6.391  -8.260  1.00 0.00 ? 15 LYS A H   1 
ATOM 98  H HA  . LYS A 1 23 ? -1.836  -8.643  -9.798  1.00 0.00 ? 15 LYS A HA  1 
ATOM 99  N N   . GLU A 1 24 ? -3.099  -9.720  -7.816  1.00 0.00 ? 16 GLU A N   1 
ATOM 100 C CA  . GLU A 1 24 ? -3.563  -10.494 -6.630  1.00 0.00 ? 16 GLU A CA  1 
ATOM 101 C C   . GLU A 1 24 ? -2.371  -10.767 -5.711  1.00 0.00 ? 16 GLU A C   1 
ATOM 102 O O   . GLU A 1 24 ? -1.233  -10.753 -6.137  1.00 0.00 ? 16 GLU A O   1 
ATOM 103 C CB  . GLU A 1 24 ? -4.181  -11.817 -7.085  1.00 0.00 ? 16 GLU A CB  1 
ATOM 104 H H   . GLU A 1 24 ? -3.494  -9.884  -8.698  1.00 0.00 ? 16 GLU A H   1 
ATOM 105 H HA  . GLU A 1 24 ? -4.298  -9.912  -6.093  1.00 0.00 ? 16 GLU A HA  1 
ATOM 106 N N   . ILE A 1 25 ? -2.617  -11.004 -4.452  1.00 0.00 ? 17 ILE A N   1 
ATOM 107 C CA  . ILE A 1 25 ? -1.490  -11.263 -3.511  1.00 0.00 ? 17 ILE A CA  1 
ATOM 108 C C   . ILE A 1 25 ? -1.942  -12.214 -2.401  1.00 0.00 ? 17 ILE A C   1 
ATOM 109 O O   . ILE A 1 25 ? -3.035  -12.105 -1.881  1.00 0.00 ? 17 ILE A O   1 
ATOM 110 C CB  . ILE A 1 25 ? -1.041  -9.939  -2.891  1.00 0.00 ? 17 ILE A CB  1 
ATOM 111 H H   . ILE A 1 25 ? -3.542  -11.002 -4.124  1.00 0.00 ? 17 ILE A H   1 
ATOM 112 H HA  . ILE A 1 25 ? -0.662  -11.701 -4.048  1.00 0.00 ? 17 ILE A HA  1 
ATOM 113 N N   . GLU A 1 26 ? -1.105  -13.145 -2.031  1.00 0.00 ? 18 GLU A N   1 
ATOM 114 C CA  . GLU A 1 26 ? -1.475  -14.103 -0.951  1.00 0.00 ? 18 GLU A CA  1 
ATOM 115 C C   . GLU A 1 26 ? -1.465  -13.381 0.398   1.00 0.00 ? 18 GLU A C   1 
ATOM 116 O O   . GLU A 1 26 ? -1.995  -12.298 0.538   1.00 0.00 ? 18 GLU A O   1 
ATOM 117 C CB  . GLU A 1 26 ? -0.458  -15.245 -0.921  1.00 0.00 ? 18 GLU A CB  1 
ATOM 118 H H   . GLU A 1 26 ? -0.228  -13.212 -2.463  1.00 0.00 ? 18 GLU A H   1 
ATOM 119 H HA  . GLU A 1 26 ? -2.459  -14.506 -1.143  1.00 0.00 ? 18 GLU A HA  1 
ATOM 120 N N   . TRP A 1 27 ? -0.862  -13.976 1.391   1.00 0.00 ? 19 TRP A N   1 
ATOM 121 C CA  . TRP A 1 27 ? -0.812  -13.330 2.734   1.00 0.00 ? 19 TRP A CA  1 
ATOM 122 C C   . TRP A 1 27 ? 0.007   -14.208 3.684   1.00 0.00 ? 19 TRP A C   1 
ATOM 123 O O   . TRP A 1 27 ? 0.391   -15.309 3.345   1.00 0.00 ? 19 TRP A O   1 
ATOM 124 C CB  . TRP A 1 27 ? -2.233  -13.173 3.279   1.00 0.00 ? 19 TRP A CB  1 
ATOM 125 H H   . TRP A 1 27 ? -0.441  -14.850 1.253   1.00 0.00 ? 19 TRP A H   1 
ATOM 126 H HA  . TRP A 1 27 ? -0.348  -12.359 2.649   1.00 0.00 ? 19 TRP A HA  1 
ATOM 127 N N   . ARG A 1 28 ? 0.281   -13.733 4.868   1.00 0.00 ? 20 ARG A N   1 
ATOM 128 C CA  . ARG A 1 28 ? 1.079   -14.551 5.826   1.00 0.00 ? 20 ARG A CA  1 
ATOM 129 C C   . ARG A 1 28 ? 0.518   -14.388 7.241   1.00 0.00 ? 20 ARG A C   1 
ATOM 130 O O   . ARG A 1 28 ? -0.371  -15.108 7.650   1.00 0.00 ? 20 ARG A O   1 
ATOM 131 C CB  . ARG A 1 28 ? 2.538   -14.093 5.800   1.00 0.00 ? 20 ARG A CB  1 
ATOM 132 H H   . ARG A 1 28 ? -0.032  -12.841 5.127   1.00 0.00 ? 20 ARG A H   1 
ATOM 133 H HA  . ARG A 1 28 ? 1.023   -15.591 5.541   1.00 0.00 ? 20 ARG A HA  1 
ATOM 134 N N   . GLU A 1 29 ? 1.026   -13.451 7.996   1.00 0.00 ? 21 GLU A N   1 
ATOM 135 C CA  . GLU A 1 29 ? 0.512   -13.255 9.381   1.00 0.00 ? 21 GLU A CA  1 
ATOM 136 C C   . GLU A 1 29 ? 1.570   -12.538 10.223  1.00 0.00 ? 21 GLU A C   1 
ATOM 137 O O   . GLU A 1 29 ? 2.662   -13.033 10.416  1.00 0.00 ? 21 GLU A O   1 
ATOM 138 C CB  . GLU A 1 29 ? 0.207   -14.619 10.005  1.00 0.00 ? 21 GLU A CB  1 
ATOM 139 H H   . GLU A 1 29 ? 1.741   -12.874 7.653   1.00 0.00 ? 21 GLU A H   1 
ATOM 140 H HA  . GLU A 1 29 ? -0.390  -12.664 9.353   1.00 0.00 ? 21 GLU A HA  1 
ATOM 141 N N   . GLY A 1 30 ? 1.256   -11.375 10.728  1.00 0.00 ? 22 GLY A N   1 
ATOM 142 C CA  . GLY A 1 30 ? 2.246   -10.632 11.559  1.00 0.00 ? 22 GLY A CA  1 
ATOM 143 C C   . GLY A 1 30 ? 2.735   -9.399  10.796  1.00 0.00 ? 22 GLY A C   1 
ATOM 144 O O   . GLY A 1 30 ? 3.120   -8.407  11.381  1.00 0.00 ? 22 GLY A O   1 
ATOM 145 H H   . GLY A 1 30 ? 0.370   -10.992 10.563  1.00 0.00 ? 22 GLY A H   1 
ATOM 146 H HA2 . GLY A 1 30 ? 1.779   -10.324 12.483  1.00 0.00 ? 22 GLY A HA2 1 
ATOM 147 H HA3 . GLY A 1 30 ? 3.087   -11.273 11.776  1.00 0.00 ? 22 GLY A HA3 1 
ATOM 148 N N   . MET A 1 31 ? 2.721   -9.454  9.493   1.00 0.00 ? 23 MET A N   1 
ATOM 149 C CA  . MET A 1 31 ? 3.184   -8.285  8.691   1.00 0.00 ? 23 MET A CA  1 
ATOM 150 C C   . MET A 1 31 ? 2.335   -7.059  9.030   1.00 0.00 ? 23 MET A C   1 
ATOM 151 O O   . MET A 1 31 ? 1.599   -7.045  9.997   1.00 0.00 ? 23 MET A O   1 
ATOM 152 C CB  . MET A 1 31 ? 3.052   -8.603  7.200   1.00 0.00 ? 23 MET A CB  1 
ATOM 153 H H   . MET A 1 31 ? 2.405   -10.264 9.041   1.00 0.00 ? 23 MET A H   1 
ATOM 154 H HA  . MET A 1 31 ? 4.217   -8.065  8.923   1.00 0.00 ? 23 MET A HA  1 
ATOM 155 N N   . LYS A 1 32 ? 2.442   -6.023  8.243   1.00 0.00 ? 24 LYS A N   1 
ATOM 156 C CA  . LYS A 1 32 ? 1.658   -4.787  8.515   1.00 0.00 ? 24 LYS A CA  1 
ATOM 157 C C   . LYS A 1 32 ? 1.843   -3.798  7.362   1.00 0.00 ? 24 LYS A C   1 
ATOM 158 O O   . LYS A 1 32 ? 2.921   -3.663  6.817   1.00 0.00 ? 24 LYS A O   1 
ATOM 159 C CB  . LYS A 1 32 ? 2.156   -4.147  9.813   1.00 0.00 ? 24 LYS A CB  1 
ATOM 160 H H   . LYS A 1 32 ? 3.050   -6.060  7.475   1.00 0.00 ? 24 LYS A H   1 
ATOM 161 H HA  . LYS A 1 32 ? 0.610   -5.025  8.616   1.00 0.00 ? 24 LYS A HA  1 
ATOM 162 N N   . VAL A 1 33 ? 0.800   -3.107  6.986   1.00 0.00 ? 25 VAL A N   1 
ATOM 163 C CA  . VAL A 1 33 ? 0.913   -2.127  5.869   1.00 0.00 ? 25 VAL A CA  1 
ATOM 164 C C   . VAL A 1 33 ? 2.309   -1.502  5.866   1.00 0.00 ? 25 VAL A C   1 
ATOM 165 O O   . VAL A 1 33 ? 3.010   -1.535  4.874   1.00 0.00 ? 25 VAL A O   1 
ATOM 166 C CB  . VAL A 1 33 ? -0.136  -1.028  6.048   1.00 0.00 ? 25 VAL A CB  1 
ATOM 167 H H   . VAL A 1 33 ? -0.060  -3.234  7.439   1.00 0.00 ? 25 VAL A H   1 
ATOM 168 H HA  . VAL A 1 33 ? 0.745   -2.632  4.929   1.00 0.00 ? 25 VAL A HA  1 
ATOM 169 N N   . ARG A 1 34 ? 2.721   -0.930  6.965   1.00 0.00 ? 26 ARG A N   1 
ATOM 170 C CA  . ARG A 1 34 ? 4.074   -0.306  7.011   1.00 0.00 ? 26 ARG A CA  1 
ATOM 171 C C   . ARG A 1 34 ? 5.100   -1.288  6.442   1.00 0.00 ? 26 ARG A C   1 
ATOM 172 O O   . ARG A 1 34 ? 5.669   -1.067  5.391   1.00 0.00 ? 26 ARG A O   1 
ATOM 173 C CB  . ARG A 1 34 ? 4.434   0.033   8.459   1.00 0.00 ? 26 ARG A CB  1 
ATOM 174 H H   . ARG A 1 34 ? 2.145   -0.912  7.757   1.00 0.00 ? 26 ARG A H   1 
ATOM 175 H HA  . ARG A 1 34 ? 4.071   0.595   6.416   1.00 0.00 ? 26 ARG A HA  1 
ATOM 176 N N   . ASP A 1 35 ? 5.338   -2.374  7.125   1.00 0.00 ? 27 ASP A N   1 
ATOM 177 C CA  . ASP A 1 35 ? 6.325   -3.369  6.617   1.00 0.00 ? 27 ASP A CA  1 
ATOM 178 C C   . ASP A 1 35 ? 6.177   -3.497  5.100   1.00 0.00 ? 27 ASP A C   1 
ATOM 179 O O   . ASP A 1 35 ? 7.069   -3.154  4.348   1.00 0.00 ? 27 ASP A O   1 
ATOM 180 C CB  . ASP A 1 35 ? 6.061   -4.727  7.270   1.00 0.00 ? 27 ASP A CB  1 
ATOM 181 H H   . ASP A 1 35 ? 4.867   -2.536  7.970   1.00 0.00 ? 27 ASP A H   1 
ATOM 182 H HA  . ASP A 1 35 ? 7.326   -3.042  6.854   1.00 0.00 ? 27 ASP A HA  1 
ATOM 183 N N   . ILE A 1 36 ? 5.057   -3.986  4.642   1.00 0.00 ? 28 ILE A N   1 
ATOM 184 C CA  . ILE A 1 36 ? 4.854   -4.133  3.173   1.00 0.00 ? 28 ILE A CA  1 
ATOM 185 C C   . ILE A 1 36 ? 5.318   -2.859  2.466   1.00 0.00 ? 28 ILE A C   1 
ATOM 186 O O   . ILE A 1 36 ? 5.992   -2.908  1.456   1.00 0.00 ? 28 ILE A O   1 
ATOM 187 C CB  . ILE A 1 36 ? 3.370   -4.368  2.884   1.00 0.00 ? 28 ILE A CB  1 
ATOM 188 H H   . ILE A 1 36 ? 4.349   -4.255  5.264   1.00 0.00 ? 28 ILE A H   1 
ATOM 189 H HA  . ILE A 1 36 ? 5.429   -4.973  2.813   1.00 0.00 ? 28 ILE A HA  1 
ATOM 190 N N   . LEU A 1 37 ? 4.964   -1.716  2.988   1.00 0.00 ? 29 LEU A N   1 
ATOM 191 C CA  . LEU A 1 37 ? 5.388   -0.441  2.346   1.00 0.00 ? 29 LEU A CA  1 
ATOM 192 C C   . LEU A 1 37 ? 6.909   -0.313  2.438   1.00 0.00 ? 29 LEU A C   1 
ATOM 193 O O   . LEU A 1 37 ? 7.586   -0.109  1.449   1.00 0.00 ? 29 LEU A O   1 
ATOM 194 C CB  . LEU A 1 37 ? 4.731   0.737   3.069   1.00 0.00 ? 29 LEU A CB  1 
ATOM 195 H H   . LEU A 1 37 ? 4.421   -1.697  3.804   1.00 0.00 ? 29 LEU A H   1 
ATOM 196 H HA  . LEU A 1 37 ? 5.087   -0.441  1.310   1.00 0.00 ? 29 LEU A HA  1 
ATOM 197 N N   . ARG A 1 38 ? 7.451   -0.438  3.617   1.00 0.00 ? 30 ARG A N   1 
ATOM 198 C CA  . ARG A 1 38 ? 8.929   -0.332  3.775   1.00 0.00 ? 30 ARG A CA  1 
ATOM 199 C C   . ARG A 1 38 ? 9.608   -1.421  2.942   1.00 0.00 ? 30 ARG A C   1 
ATOM 200 O O   . ARG A 1 38 ? 10.804  -1.395  2.728   1.00 0.00 ? 30 ARG A O   1 
ATOM 201 C CB  . ARG A 1 38 ? 9.299   -0.510  5.248   1.00 0.00 ? 30 ARG A CB  1 
ATOM 202 H H   . ARG A 1 38 ? 6.886   -0.609  4.399   1.00 0.00 ? 30 ARG A H   1 
ATOM 203 H HA  . ARG A 1 38 ? 9.259   0.639   3.434   1.00 0.00 ? 30 ARG A HA  1 
ATOM 204 N N   . ALA A 1 39 ? 8.856   -2.379  2.472   1.00 0.00 ? 31 ALA A N   1 
ATOM 205 C CA  . ALA A 1 39 ? 9.465   -3.466  1.655   1.00 0.00 ? 31 ALA A CA  1 
ATOM 206 C C   . ALA A 1 39 ? 9.799   -2.930  0.262   1.00 0.00 ? 31 ALA A C   1 
ATOM 207 O O   . ALA A 1 39 ? 10.551  -3.528  -0.481  1.00 0.00 ? 31 ALA A O   1 
ATOM 208 C CB  . ALA A 1 39 ? 8.481   -4.632  1.535   1.00 0.00 ? 31 ALA A CB  1 
ATOM 209 H H   . ALA A 1 39 ? 7.893   -2.383  2.655   1.00 0.00 ? 31 ALA A H   1 
ATOM 210 H HA  . ALA A 1 39 ? 10.373  -3.804  2.130   1.00 0.00 ? 31 ALA A HA  1 
ATOM 211 N N   . VAL A 1 40 ? 9.251   -1.801  -0.095  1.00 0.00 ? 32 VAL A N   1 
ATOM 212 C CA  . VAL A 1 40 ? 9.544   -1.223  -1.435  1.00 0.00 ? 32 VAL A CA  1 
ATOM 213 C C   . VAL A 1 40 ? 10.424  0.016   -1.260  1.00 0.00 ? 32 VAL A C   1 
ATOM 214 O O   . VAL A 1 40 ? 10.529  0.847   -2.140  1.00 0.00 ? 32 VAL A O   1 
ATOM 215 C CB  . VAL A 1 40 ? 8.234   -0.830  -2.123  1.00 0.00 ? 32 VAL A CB  1 
ATOM 216 H H   . VAL A 1 40 ? 8.652   -1.330  0.521   1.00 0.00 ? 32 VAL A H   1 
ATOM 217 H HA  . VAL A 1 40 ? 10.067  -1.950  -2.039  1.00 0.00 ? 32 VAL A HA  1 
ATOM 218 N N   . GLY A 1 41 ? 11.054  0.146   -0.125  1.00 0.00 ? 33 GLY A N   1 
ATOM 219 C CA  . GLY A 1 41 ? 11.925  1.331   0.113   1.00 0.00 ? 33 GLY A CA  1 
ATOM 220 C C   . GLY A 1 41 ? 11.052  2.577   0.269   1.00 0.00 ? 33 GLY A C   1 
ATOM 221 O O   . GLY A 1 41 ? 11.508  3.691   0.109   1.00 0.00 ? 33 GLY A O   1 
ATOM 222 H H   . GLY A 1 41 ? 10.954  -0.534  0.574   1.00 0.00 ? 33 GLY A H   1 
ATOM 223 H HA2 . GLY A 1 41 ? 12.503  1.179   1.012   1.00 0.00 ? 33 GLY A HA2 1 
ATOM 224 H HA3 . GLY A 1 41 ? 12.590  1.465   -0.727  1.00 0.00 ? 33 GLY A HA3 1 
ATOM 225 N N   . PHE A 1 42 ? 9.796   2.395   0.577   1.00 0.00 ? 34 PHE A N   1 
ATOM 226 C CA  . PHE A 1 42 ? 8.894   3.570   0.740   1.00 0.00 ? 34 PHE A CA  1 
ATOM 227 C C   . PHE A 1 42 ? 7.797   3.240   1.754   1.00 0.00 ? 34 PHE A C   1 
ATOM 228 O O   . PHE A 1 42 ? 6.826   2.581   1.439   1.00 0.00 ? 34 PHE A O   1 
ATOM 229 C CB  . PHE A 1 42 ? 8.255   3.911   -0.608  1.00 0.00 ? 34 PHE A CB  1 
ATOM 230 H H   . PHE A 1 42 ? 9.447   1.488   0.701   1.00 0.00 ? 34 PHE A H   1 
ATOM 231 H HA  . PHE A 1 42 ? 9.465   4.417   1.090   1.00 0.00 ? 34 PHE A HA  1 
ATOM 232 N N   . ASN A 1 43 ? 7.938   3.696   2.969   1.00 0.00 ? 35 ASN A N   1 
ATOM 233 C CA  . ASN A 1 43 ? 6.898   3.410   3.996   1.00 0.00 ? 35 ASN A CA  1 
ATOM 234 C C   . ASN A 1 43 ? 5.700   4.336   3.775   1.00 0.00 ? 35 ASN A C   1 
ATOM 235 O O   . ASN A 1 43 ? 5.197   4.950   4.694   1.00 0.00 ? 35 ASN A O   1 
ATOM 236 C CB  . ASN A 1 43 ? 7.477   3.646   5.393   1.00 0.00 ? 35 ASN A CB  1 
ATOM 237 H H   . ASN A 1 43 ? 8.727   4.230   3.204   1.00 0.00 ? 35 ASN A H   1 
ATOM 238 H HA  . ASN A 1 43 ? 6.575   2.383   3.907   1.00 0.00 ? 35 ASN A HA  1 
ATOM 239 N N   . THR A 1 44 ? 5.242   4.439   2.557   1.00 0.00 ? 36 THR A N   1 
ATOM 240 C CA  . THR A 1 44 ? 4.076   5.322   2.267   1.00 0.00 ? 36 THR A CA  1 
ATOM 241 C C   . THR A 1 44 ? 4.415   6.766   2.642   1.00 0.00 ? 36 THR A C   1 
ATOM 242 O O   . THR A 1 44 ? 3.739   7.385   3.440   1.00 0.00 ? 36 THR A O   1 
ATOM 243 C CB  . THR A 1 44 ? 2.867   4.855   3.079   1.00 0.00 ? 36 THR A CB  1 
ATOM 244 H H   . THR A 1 44 ? 5.666   3.933   1.832   1.00 0.00 ? 36 THR A H   1 
ATOM 245 H HA  . THR A 1 44 ? 3.842   5.272   1.214   1.00 0.00 ? 36 THR A HA  1 
ATOM 246 N N   . GLU A 1 45 ? 5.454   7.310   2.070   1.00 0.00 ? 37 GLU A N   1 
ATOM 247 C CA  . GLU A 1 45 ? 5.830   8.716   2.390   1.00 0.00 ? 37 GLU A CA  1 
ATOM 248 C C   . GLU A 1 45 ? 5.327   9.638   1.277   1.00 0.00 ? 37 GLU A C   1 
ATOM 249 O O   . GLU A 1 45 ? 4.896   10.748  1.518   1.00 0.00 ? 37 GLU A O   1 
ATOM 250 C CB  . GLU A 1 45 ? 7.353   8.826   2.493   1.00 0.00 ? 37 GLU A CB  1 
ATOM 251 H H   . GLU A 1 45 ? 5.984   6.797   1.425   1.00 0.00 ? 37 GLU A H   1 
ATOM 252 H HA  . GLU A 1 45 ? 5.384   9.007   3.327   1.00 0.00 ? 37 GLU A HA  1 
ATOM 253 N N   . SER A 1 46 ? 5.386   9.177   0.060   1.00 0.00 ? 38 SER A N   1 
ATOM 254 C CA  . SER A 1 46 ? 4.920   10.007  -1.086  1.00 0.00 ? 38 SER A CA  1 
ATOM 255 C C   . SER A 1 46 ? 3.496   9.599   -1.472  1.00 0.00 ? 38 SER A C   1 
ATOM 256 O O   . SER A 1 46 ? 3.234   9.244   -2.604  1.00 0.00 ? 38 SER A O   1 
ATOM 257 C CB  . SER A 1 46 ? 5.848   9.780   -2.281  1.00 0.00 ? 38 SER A CB  1 
ATOM 258 H H   . SER A 1 46 ? 5.743   8.278   -0.099  1.00 0.00 ? 38 SER A H   1 
ATOM 259 H HA  . SER A 1 46 ? 4.943   11.051  -0.814  1.00 0.00 ? 38 SER A HA  1 
ATOM 260 N N   . ALA A 1 47 ? 2.576   9.639   -0.546  1.00 0.00 ? 39 ALA A N   1 
ATOM 261 C CA  . ALA A 1 47 ? 1.178   9.241   -0.878  1.00 0.00 ? 39 ALA A CA  1 
ATOM 262 C C   . ALA A 1 47 ? 0.455   8.768   0.385   1.00 0.00 ? 39 ALA A C   1 
ATOM 263 O O   . ALA A 1 47 ? 1.069   8.374   1.357   1.00 0.00 ? 39 ALA A O   1 
ATOM 264 C CB  . ALA A 1 47 ? 1.206   8.095   -1.893  1.00 0.00 ? 39 ALA A CB  1 
ATOM 265 H H   . ALA A 1 47 ? 2.805   9.922   0.364   1.00 0.00 ? 39 ALA A H   1 
ATOM 266 H HA  . ALA A 1 47 ? 0.644   10.077  -1.304  1.00 0.00 ? 39 ALA A HA  1 
ATOM 267 N N   . ILE A 1 48 ? -0.850  8.799   0.370   1.00 0.00 ? 40 ILE A N   1 
ATOM 268 C CA  . ILE A 1 48 ? -1.626  8.346   1.558   1.00 0.00 ? 40 ILE A CA  1 
ATOM 269 C C   . ILE A 1 48 ? -1.968  6.863   1.392   1.00 0.00 ? 40 ILE A C   1 
ATOM 270 O O   . ILE A 1 48 ? -2.847  6.506   0.632   1.00 0.00 ? 40 ILE A O   1 
ATOM 271 C CB  . ILE A 1 48 ? -2.918  9.157   1.660   1.00 0.00 ? 40 ILE A CB  1 
ATOM 272 H H   . ILE A 1 48 ? -1.320  9.116   -0.429  1.00 0.00 ? 40 ILE A H   1 
ATOM 273 H HA  . ILE A 1 48 ? -1.038  8.488   2.453   1.00 0.00 ? 40 ILE A HA  1 
ATOM 274 N N   . ALA A 1 49 ? -1.283  5.994   2.084   1.00 0.00 ? 41 ALA A N   1 
ATOM 275 C CA  . ALA A 1 49 ? -1.581  4.541   1.944   1.00 0.00 ? 41 ALA A CA  1 
ATOM 276 C C   . ALA A 1 49 ? -3.068  4.293   2.215   1.00 0.00 ? 41 ALA A C   1 
ATOM 277 O O   . ALA A 1 49 ? -3.613  4.744   3.202   1.00 0.00 ? 41 ALA A O   1 
ATOM 278 C CB  . ALA A 1 49 ? -0.740  3.746   2.944   1.00 0.00 ? 41 ALA A CB  1 
ATOM 279 H H   . ALA A 1 49 ? -0.573  6.292   2.691   1.00 0.00 ? 41 ALA A H   1 
ATOM 280 H HA  . ALA A 1 49 ? -1.342  4.224   0.940   1.00 0.00 ? 41 ALA A HA  1 
ATOM 281 N N   . LYS A 1 50 ? -3.726  3.576   1.344   1.00 0.00 ? 42 LYS A N   1 
ATOM 282 C CA  . LYS A 1 50 ? -5.175  3.298   1.552   1.00 0.00 ? 42 LYS A CA  1 
ATOM 283 C C   . LYS A 1 50 ? -5.529  1.950   0.922   1.00 0.00 ? 42 LYS A C   1 
ATOM 284 O O   . LYS A 1 50 ? -5.055  1.608   -0.143  1.00 0.00 ? 42 LYS A O   1 
ATOM 285 C CB  . LYS A 1 50 ? -6.006  4.403   0.896   1.00 0.00 ? 42 LYS A CB  1 
ATOM 286 H H   . LYS A 1 50 ? -3.267  3.219   0.555   1.00 0.00 ? 42 LYS A H   1 
ATOM 287 H HA  . LYS A 1 50 ? -5.388  3.267   2.610   1.00 0.00 ? 42 LYS A HA  1 
ATOM 288 N N   . VAL A 1 51 ? -6.359  1.179   1.571   1.00 0.00 ? 43 VAL A N   1 
ATOM 289 C CA  . VAL A 1 51 ? -6.737  -0.147  1.006   1.00 0.00 ? 43 VAL A CA  1 
ATOM 290 C C   . VAL A 1 51 ? -8.262  -0.279  0.971   1.00 0.00 ? 43 VAL A C   1 
ATOM 291 O O   . VAL A 1 51 ? -8.964  0.275   1.792   1.00 0.00 ? 43 VAL A O   1 
ATOM 292 C CB  . VAL A 1 51 ? -6.149  -1.260  1.875   1.00 0.00 ? 43 VAL A CB  1 
ATOM 293 H H   . VAL A 1 51 ? -6.730  1.470   2.430   1.00 0.00 ? 43 VAL A H   1 
ATOM 294 H HA  . VAL A 1 51 ? -6.348  -0.233  0.002   1.00 0.00 ? 43 VAL A HA  1 
ATOM 295 N N   . ASN A 1 52 ? -8.775  -1.014  0.022   1.00 0.00 ? 44 ASN A N   1 
ATOM 296 C CA  . ASN A 1 52 ? -10.252 -1.191  -0.074  1.00 0.00 ? 44 ASN A CA  1 
ATOM 297 C C   . ASN A 1 52 ? -10.940 0.176   -0.089  1.00 0.00 ? 44 ASN A C   1 
ATOM 298 O O   . ASN A 1 52 ? -12.029 0.337   0.426   1.00 0.00 ? 44 ASN A O   1 
ATOM 299 C CB  . ASN A 1 52 ? -10.750 -2.002  1.123   1.00 0.00 ? 44 ASN A CB  1 
ATOM 300 H H   . ASN A 1 52 ? -8.187  -1.453  -0.628  1.00 0.00 ? 44 ASN A H   1 
ATOM 301 H HA  . ASN A 1 52 ? -10.488 -1.716  -0.988  1.00 0.00 ? 44 ASN A HA  1 
ATOM 302 N N   . GLY A 1 53 ? -10.322 1.161   -0.682  1.00 0.00 ? 45 GLY A N   1 
ATOM 303 C CA  . GLY A 1 53 ? -10.953 2.510   -0.734  1.00 0.00 ? 45 GLY A CA  1 
ATOM 304 C C   . GLY A 1 53 ? -10.852 3.188   0.633   1.00 0.00 ? 45 GLY A C   1 
ATOM 305 O O   . GLY A 1 53 ? -11.226 4.332   0.798   1.00 0.00 ? 45 GLY A O   1 
ATOM 306 H H   . GLY A 1 53 ? -9.446  1.013   -1.097  1.00 0.00 ? 45 GLY A H   1 
ATOM 307 H HA2 . GLY A 1 53 ? -10.448 3.114   -1.474  1.00 0.00 ? 45 GLY A HA2 1 
ATOM 308 H HA3 . GLY A 1 53 ? -11.993 2.407   -1.001  1.00 0.00 ? 45 GLY A HA3 1 
ATOM 309 N N   . LYS A 1 54 ? -10.349 2.493   1.616   1.00 0.00 ? 46 LYS A N   1 
ATOM 310 C CA  . LYS A 1 54 ? -10.226 3.102   2.969   1.00 0.00 ? 46 LYS A CA  1 
ATOM 311 C C   . LYS A 1 54 ? -8.794  3.600   3.176   1.00 0.00 ? 46 LYS A C   1 
ATOM 312 O O   . LYS A 1 54 ? -7.841  2.983   2.743   1.00 0.00 ? 46 LYS A O   1 
ATOM 313 C CB  . LYS A 1 54 ? -10.568 2.060   4.037   1.00 0.00 ? 46 LYS A CB  1 
ATOM 314 H H   . LYS A 1 54 ? -10.052 1.573   1.461   1.00 0.00 ? 46 LYS A H   1 
ATOM 315 H HA  . LYS A 1 54 ? -10.901 3.941   3.051   1.00 0.00 ? 46 LYS A HA  1 
ATOM 316 N N   . VAL A 1 55 ? -8.640  4.717   3.832   1.00 0.00 ? 47 VAL A N   1 
ATOM 317 C CA  . VAL A 1 55 ? -7.273  5.264   4.066   1.00 0.00 ? 47 VAL A CA  1 
ATOM 318 C C   . VAL A 1 55 ? -6.728  4.739   5.395   1.00 0.00 ? 47 VAL A C   1 
ATOM 319 O O   . VAL A 1 55 ? -7.473  4.379   6.285   1.00 0.00 ? 47 VAL A O   1 
ATOM 320 C CB  . VAL A 1 55 ? -7.338  6.792   4.111   1.00 0.00 ? 47 VAL A CB  1 
ATOM 321 H H   . VAL A 1 55 ? -9.424  5.199   4.170   1.00 0.00 ? 47 VAL A H   1 
ATOM 322 H HA  . VAL A 1 55 ? -6.621  4.956   3.263   1.00 0.00 ? 47 VAL A HA  1 
ATOM 323 N N   . VAL A 1 56 ? -5.432  4.696   5.535   1.00 0.00 ? 48 VAL A N   1 
ATOM 324 C CA  . VAL A 1 56 ? -4.835  4.197   6.805   1.00 0.00 ? 48 VAL A CA  1 
ATOM 325 C C   . VAL A 1 56 ? -3.492  4.892   7.040   1.00 0.00 ? 48 VAL A C   1 
ATOM 326 O O   . VAL A 1 56 ? -3.053  5.695   6.241   1.00 0.00 ? 48 VAL A O   1 
ATOM 327 C CB  . VAL A 1 56 ? -4.619  2.686   6.709   1.00 0.00 ? 48 VAL A CB  1 
ATOM 328 H H   . VAL A 1 56 ? -4.852  4.994   4.803   1.00 0.00 ? 48 VAL A H   1 
ATOM 329 H HA  . VAL A 1 56 ? -5.503  4.415   7.625   1.00 0.00 ? 48 VAL A HA  1 
ATOM 330 N N   . LEU A 1 57 ? -2.834  4.591   8.126   1.00 0.00 ? 49 LEU A N   1 
ATOM 331 C CA  . LEU A 1 57 ? -1.521  5.240   8.401   1.00 0.00 ? 49 LEU A CA  1 
ATOM 332 C C   . LEU A 1 57 ? -0.392  4.265   8.056   1.00 0.00 ? 49 LEU A C   1 
ATOM 333 O O   . LEU A 1 57 ? -0.623  3.097   7.815   1.00 0.00 ? 49 LEU A O   1 
ATOM 334 C CB  . LEU A 1 57 ? -1.436  5.619   9.881   1.00 0.00 ? 49 LEU A CB  1 
ATOM 335 H H   . LEU A 1 57 ? -3.202  3.941   8.760   1.00 0.00 ? 49 LEU A H   1 
ATOM 336 H HA  . LEU A 1 57 ? -1.427  6.129   7.795   1.00 0.00 ? 49 LEU A HA  1 
ATOM 337 N N   . GLU A 1 58 ? 0.826   4.734   8.032   1.00 0.00 ? 50 GLU A N   1 
ATOM 338 C CA  . GLU A 1 58 ? 1.966   3.832   7.703   1.00 0.00 ? 50 GLU A CA  1 
ATOM 339 C C   . GLU A 1 58 ? 2.034   2.697   8.728   1.00 0.00 ? 50 GLU A C   1 
ATOM 340 O O   . GLU A 1 58 ? 2.530   1.625   8.447   1.00 0.00 ? 50 GLU A O   1 
ATOM 341 C CB  . GLU A 1 58 ? 3.272   4.629   7.739   1.00 0.00 ? 50 GLU A CB  1 
ATOM 342 H H   . GLU A 1 58 ? 0.993   5.678   8.231   1.00 0.00 ? 50 GLU A H   1 
ATOM 343 H HA  . GLU A 1 58 ? 1.825   3.417   6.716   1.00 0.00 ? 50 GLU A HA  1 
ATOM 344 N N   . ASP A 1 59 ? 1.542   2.925   9.914   1.00 0.00 ? 51 ASP A N   1 
ATOM 345 C CA  . ASP A 1 59 ? 1.584   1.859   10.954  1.00 0.00 ? 51 ASP A CA  1 
ATOM 346 C C   . ASP A 1 59 ? 0.258   1.095   10.965  1.00 0.00 ? 51 ASP A C   1 
ATOM 347 O O   . ASP A 1 59 ? 0.040   0.224   11.784  1.00 0.00 ? 51 ASP A O   1 
ATOM 348 C CB  . ASP A 1 59 ? 1.814   2.495   12.326  1.00 0.00 ? 51 ASP A CB  1 
ATOM 349 H H   . ASP A 1 59 ? 1.147   3.797   10.123  1.00 0.00 ? 51 ASP A H   1 
ATOM 350 H HA  . ASP A 1 59 ? 2.394   1.178   10.736  1.00 0.00 ? 51 ASP A HA  1 
ATOM 351 N N   . ASP A 1 60 ? -0.630  1.410   10.062  1.00 0.00 ? 52 ASP A N   1 
ATOM 352 C CA  . ASP A 1 60 ? -1.938  0.696   10.027  1.00 0.00 ? 52 ASP A CA  1 
ATOM 353 C C   . ASP A 1 60 ? -1.746  -0.674  9.374   1.00 0.00 ? 52 ASP A C   1 
ATOM 354 O O   . ASP A 1 60 ? -1.704  -0.796  8.166   1.00 0.00 ? 52 ASP A O   1 
ATOM 355 C CB  . ASP A 1 60 ? -2.946  1.513   9.217   1.00 0.00 ? 52 ASP A CB  1 
ATOM 356 H H   . ASP A 1 60 ? -0.439  2.113   9.406   1.00 0.00 ? 52 ASP A H   1 
ATOM 357 H HA  . ASP A 1 60 ? -2.305  0.565   11.034  1.00 0.00 ? 52 ASP A HA  1 
ATOM 358 N N   . GLU A 1 61 ? -1.626  -1.706  10.164  1.00 0.00 ? 53 GLU A N   1 
ATOM 359 C CA  . GLU A 1 61 ? -1.433  -3.067  9.590   1.00 0.00 ? 53 GLU A CA  1 
ATOM 360 C C   . GLU A 1 61 ? -2.306  -3.226  8.342   1.00 0.00 ? 53 GLU A C   1 
ATOM 361 O O   . GLU A 1 61 ? -3.306  -2.556  8.182   1.00 0.00 ? 53 GLU A O   1 
ATOM 362 C CB  . GLU A 1 61 ? -1.834  -4.117  10.628  1.00 0.00 ? 53 GLU A CB  1 
ATOM 363 H H   . GLU A 1 61 ? -1.661  -1.587  11.136  1.00 0.00 ? 53 GLU A H   1 
ATOM 364 H HA  . GLU A 1 61 ? -0.395  -3.202  9.326   1.00 0.00 ? 53 GLU A HA  1 
ATOM 365 N N   . VAL A 1 62 ? -1.937  -4.116  7.462   1.00 0.00 ? 54 VAL A N   1 
ATOM 366 C CA  . VAL A 1 62 ? -2.744  -4.329  6.227   1.00 0.00 ? 54 VAL A CA  1 
ATOM 367 C C   . VAL A 1 62 ? -3.126  -5.806  6.129   1.00 0.00 ? 54 VAL A C   1 
ATOM 368 O O   . VAL A 1 62 ? -2.520  -6.657  6.750   1.00 0.00 ? 54 VAL A O   1 
ATOM 369 C CB  . VAL A 1 62 ? -1.922  -3.929  5.000   1.00 0.00 ? 54 VAL A CB  1 
ATOM 370 H H   . VAL A 1 62 ? -1.130  -4.650  7.614   1.00 0.00 ? 54 VAL A H   1 
ATOM 371 H HA  . VAL A 1 62 ? -3.643  -3.733  6.272   1.00 0.00 ? 54 VAL A HA  1 
ATOM 372 N N   . LYS A 1 63 ? -4.130  -6.118  5.359   1.00 0.00 ? 55 LYS A N   1 
ATOM 373 C CA  . LYS A 1 63 ? -4.558  -7.538  5.223   1.00 0.00 ? 55 LYS A CA  1 
ATOM 374 C C   . LYS A 1 63 ? -5.139  -7.766  3.827   1.00 0.00 ? 55 LYS A C   1 
ATOM 375 O O   . LYS A 1 63 ? -4.755  -7.122  2.871   1.00 0.00 ? 55 LYS A O   1 
ATOM 376 C CB  . LYS A 1 63 ? -5.624  -7.849  6.275   1.00 0.00 ? 55 LYS A CB  1 
ATOM 377 H H   . LYS A 1 63 ? -4.609  -5.416  4.869   1.00 0.00 ? 55 LYS A H   1 
ATOM 378 H HA  . LYS A 1 63 ? -3.709  -8.190  5.370   1.00 0.00 ? 55 LYS A HA  1 
ATOM 379 N N   . ASP A 1 64 ? -6.067  -8.678  3.708   1.00 0.00 ? 56 ASP A N   1 
ATOM 380 C CA  . ASP A 1 64 ? -6.684  -8.956  2.380   1.00 0.00 ? 56 ASP A CA  1 
ATOM 381 C C   . ASP A 1 64 ? -5.662  -8.712  1.269   1.00 0.00 ? 56 ASP A C   1 
ATOM 382 O O   . ASP A 1 64 ? -6.007  -8.330  0.169   1.00 0.00 ? 56 ASP A O   1 
ATOM 383 C CB  . ASP A 1 64 ? -7.889  -8.037  2.176   1.00 0.00 ? 56 ASP A CB  1 
ATOM 384 H H   . ASP A 1 64 ? -6.360  -9.177  4.498   1.00 0.00 ? 56 ASP A H   1 
ATOM 385 H HA  . ASP A 1 64 ? -7.007  -9.985  2.346   1.00 0.00 ? 56 ASP A HA  1 
ATOM 386 N N   . GLY A 1 65 ? -4.405  -8.924  1.549   1.00 0.00 ? 57 GLY A N   1 
ATOM 387 C CA  . GLY A 1 65 ? -3.367  -8.698  0.505   1.00 0.00 ? 57 GLY A CA  1 
ATOM 388 C C   . GLY A 1 65 ? -3.446  -7.250  0.018   1.00 0.00 ? 57 GLY A C   1 
ATOM 389 O O   . GLY A 1 65 ? -3.838  -6.979  -1.100  1.00 0.00 ? 57 GLY A O   1 
ATOM 390 H H   . GLY A 1 65 ? -4.144  -9.227  2.443   1.00 0.00 ? 57 GLY A H   1 
ATOM 391 H HA2 . GLY A 1 65 ? -2.388  -8.887  0.924   1.00 0.00 ? 57 GLY A HA2 1 
ATOM 392 H HA3 . GLY A 1 65 ? -3.538  -9.363  -0.328  1.00 0.00 ? 57 GLY A HA3 1 
ATOM 393 N N   . ASP A 1 66 ? -3.075  -6.316  0.851   1.00 0.00 ? 58 ASP A N   1 
ATOM 394 C CA  . ASP A 1 66 ? -3.127  -4.885  0.440   1.00 0.00 ? 58 ASP A CA  1 
ATOM 395 C C   . ASP A 1 66 ? -2.095  -4.644  -0.661  1.00 0.00 ? 58 ASP A C   1 
ATOM 396 O O   . ASP A 1 66 ? -1.126  -5.367  -0.782  1.00 0.00 ? 58 ASP A O   1 
ATOM 397 C CB  . ASP A 1 66 ? -2.811  -3.994  1.643   1.00 0.00 ? 58 ASP A CB  1 
ATOM 398 H H   . ASP A 1 66 ? -2.761  -6.557  1.747   1.00 0.00 ? 58 ASP A H   1 
ATOM 399 H HA  . ASP A 1 66 ? -4.115  -4.653  0.066   1.00 0.00 ? 58 ASP A HA  1 
ATOM 400 N N   . PHE A 1 67 ? -2.293  -3.641  -1.472  1.00 0.00 ? 59 PHE A N   1 
ATOM 401 C CA  . PHE A 1 67 ? -1.315  -3.379  -2.564  1.00 0.00 ? 59 PHE A CA  1 
ATOM 402 C C   . PHE A 1 67 ? -0.124  -2.599  -2.005  1.00 0.00 ? 59 PHE A C   1 
ATOM 403 O O   . PHE A 1 67 ? 0.237   -2.734  -0.853  1.00 0.00 ? 59 PHE A O   1 
ATOM 404 C CB  . PHE A 1 67 ? -1.990  -2.563  -3.668  1.00 0.00 ? 59 PHE A CB  1 
ATOM 405 H H   . PHE A 1 67 ? -3.084  -3.071  -1.367  1.00 0.00 ? 59 PHE A H   1 
ATOM 406 H HA  . PHE A 1 67 ? -0.990  -4.327  -2.965  1.00 0.00 ? 59 PHE A HA  1 
ATOM 407 N N   . VAL A 1 68 ? 0.480   -1.773  -2.814  1.00 0.00 ? 60 VAL A N   1 
ATOM 408 C CA  . VAL A 1 68 ? 1.642   -0.968  -2.345  1.00 0.00 ? 60 VAL A CA  1 
ATOM 409 C C   . VAL A 1 68 ? 1.671   0.346   -3.127  1.00 0.00 ? 60 VAL A C   1 
ATOM 410 O O   . VAL A 1 68 ? 2.214   0.420   -4.212  1.00 0.00 ? 60 VAL A O   1 
ATOM 411 C CB  . VAL A 1 68 ? 2.938   -1.743  -2.588  1.00 0.00 ? 60 VAL A CB  1 
ATOM 412 H H   . VAL A 1 68 ? 0.164   -1.680  -3.737  1.00 0.00 ? 60 VAL A H   1 
ATOM 413 H HA  . VAL A 1 68 ? 1.534   -0.762  -1.290  1.00 0.00 ? 60 VAL A HA  1 
ATOM 414 N N   . GLU A 1 69 ? 1.083   1.382   -2.595  1.00 0.00 ? 61 GLU A N   1 
ATOM 415 C CA  . GLU A 1 69 ? 1.070   2.682   -3.322  1.00 0.00 ? 61 GLU A CA  1 
ATOM 416 C C   . GLU A 1 69 ? 2.348   3.465   -3.017  1.00 0.00 ? 61 GLU A C   1 
ATOM 417 O O   . GLU A 1 69 ? 2.672   3.729   -1.876  1.00 0.00 ? 61 GLU A O   1 
ATOM 418 C CB  . GLU A 1 69 ? -0.146  3.499   -2.886  1.00 0.00 ? 61 GLU A CB  1 
ATOM 419 H H   . GLU A 1 69 ? 0.643   1.304   -1.724  1.00 0.00 ? 61 GLU A H   1 
ATOM 420 H HA  . GLU A 1 69 ? 1.014   2.493   -4.384  1.00 0.00 ? 61 GLU A HA  1 
ATOM 421 N N   . VAL A 1 70 ? 3.073   3.843   -4.034  1.00 0.00 ? 62 VAL A N   1 
ATOM 422 C CA  . VAL A 1 70 ? 4.328   4.614   -3.811  1.00 0.00 ? 62 VAL A CA  1 
ATOM 423 C C   . VAL A 1 70 ? 4.484   5.662   -4.913  1.00 0.00 ? 62 VAL A C   1 
ATOM 424 O O   . VAL A 1 70 ? 4.809   5.346   -6.041  1.00 0.00 ? 62 VAL A O   1 
ATOM 425 C CB  . VAL A 1 70 ? 5.525   3.661   -3.835  1.00 0.00 ? 62 VAL A CB  1 
ATOM 426 H H   . VAL A 1 70 ? 2.789   3.619   -4.945  1.00 0.00 ? 62 VAL A H   1 
ATOM 427 H HA  . VAL A 1 70 ? 4.277   5.106   -2.851  1.00 0.00 ? 62 VAL A HA  1 
ATOM 428 N N   . ILE A 1 71 ? 4.253   6.906   -4.593  1.00 0.00 ? 63 ILE A N   1 
ATOM 429 C CA  . ILE A 1 71 ? 4.383   7.982   -5.616  1.00 0.00 ? 63 ILE A CA  1 
ATOM 430 C C   . ILE A 1 71 ? 3.454   9.142   -5.253  1.00 0.00 ? 63 ILE A C   1 
ATOM 431 O O   . ILE A 1 71 ? 2.409   8.950   -4.663  1.00 0.00 ? 63 ILE A O   1 
ATOM 432 C CB  . ILE A 1 71 ? 3.996   7.436   -6.993  1.00 0.00 ? 63 ILE A CB  1 
ATOM 433 H H   . ILE A 1 71 ? 3.992   7.132   -3.676  1.00 0.00 ? 63 ILE A H   1 
ATOM 434 H HA  . ILE A 1 71 ? 5.402   8.338   -5.643  1.00 0.00 ? 63 ILE A HA  1 
ATOM 435 N N   . PRO A 1 72 ? 3.836   10.340  -5.606  1.00 0.00 ? 64 PRO A N   1 
ATOM 436 C CA  . PRO A 1 72 ? 3.037   11.564  -5.320  1.00 0.00 ? 64 PRO A CA  1 
ATOM 437 C C   . PRO A 1 72 ? 1.538   11.351  -5.543  1.00 0.00 ? 64 PRO A C   1 
ATOM 438 O O   . PRO A 1 72 ? 1.008   11.655  -6.594  1.00 0.00 ? 64 PRO A O   1 
ATOM 439 C CB  . PRO A 1 72 ? 3.586   12.587  -6.314  1.00 0.00 ? 64 PRO A CB  1 
ATOM 440 H HA  . PRO A 1 72 ? 3.222   11.907  -4.314  1.00 0.00 ? 64 PRO A HA  1 
ATOM 441 N N   . VAL A 1 73 ? 0.848   10.837  -4.563  1.00 0.00 ? 65 VAL A N   1 
ATOM 442 C CA  . VAL A 1 73 ? -0.617  10.614  -4.720  1.00 0.00 ? 65 VAL A CA  1 
ATOM 443 C C   . VAL A 1 73 ? -1.370  11.840  -4.201  1.00 0.00 ? 65 VAL A C   1 
ATOM 444 O O   . VAL A 1 73 ? -2.470  11.739  -3.694  1.00 0.00 ? 65 VAL A O   1 
ATOM 445 C CB  . VAL A 1 73 ? -1.037  9.378   -3.920  1.00 0.00 ? 65 VAL A CB  1 
ATOM 446 H H   . VAL A 1 73 ? 1.291   10.602  -3.721  1.00 0.00 ? 65 VAL A H   1 
ATOM 447 H HA  . VAL A 1 73 ? -0.849  10.464  -5.765  1.00 0.00 ? 65 VAL A HA  1 
ATOM 448 N N   . VAL A 1 74 ? -0.782  12.997  -4.324  1.00 0.00 ? 66 VAL A N   1 
ATOM 449 C CA  . VAL A 1 74 ? -1.456  14.234  -3.837  1.00 0.00 ? 66 VAL A CA  1 
ATOM 450 C C   . VAL A 1 74 ? -2.328  14.814  -4.952  1.00 0.00 ? 66 VAL A C   1 
ATOM 451 O O   . VAL A 1 74 ? -2.265  14.390  -6.089  1.00 0.00 ? 66 VAL A O   1 
ATOM 452 C CB  . VAL A 1 74 ? -0.401  15.263  -3.428  1.00 0.00 ? 66 VAL A CB  1 
ATOM 453 H H   . VAL A 1 74 ? 0.106   13.054  -4.735  1.00 0.00 ? 66 VAL A H   1 
ATOM 454 H HA  . VAL A 1 74 ? -2.076  13.996  -2.985  1.00 0.00 ? 66 VAL A HA  1 
ATOM 455 N N   . SER A 1 75 ? -3.144  15.783  -4.635  1.00 0.00 ? 67 SER A N   1 
ATOM 456 C CA  . SER A 1 75 ? -4.020  16.392  -5.675  1.00 0.00 ? 67 SER A CA  1 
ATOM 457 C C   . SER A 1 75 ? -4.763  17.589  -5.076  1.00 0.00 ? 67 SER A C   1 
ATOM 458 O O   . SER A 1 75 ? -5.210  17.553  -3.948  1.00 0.00 ? 67 SER A O   1 
ATOM 459 C CB  . SER A 1 75 ? -5.033  15.354  -6.160  1.00 0.00 ? 67 SER A CB  1 
ATOM 460 H H   . SER A 1 75 ? -3.179  16.110  -3.712  1.00 0.00 ? 67 SER A H   1 
ATOM 461 H HA  . SER A 1 75 ? -3.418  16.724  -6.507  1.00 0.00 ? 67 SER A HA  1 
ATOM 462 N N   . GLY A 1 76 ? -4.896  18.649  -5.826  1.00 0.00 ? 68 GLY A N   1 
ATOM 463 C CA  . GLY A 1 76 ? -5.609  19.848  -5.300  1.00 0.00 ? 68 GLY A CA  1 
ATOM 464 C C   . GLY A 1 76 ? -6.882  20.084  -6.115  1.00 0.00 ? 68 GLY A C   1 
ATOM 465 O O   . GLY A 1 76 ? -6.845  20.639  -7.194  1.00 0.00 ? 68 GLY A O   1 
ATOM 466 H H   . GLY A 1 76 ? -4.527  18.658  -6.734  1.00 0.00 ? 68 GLY A H   1 
ATOM 467 H HA2 . GLY A 1 76 ? -5.868  19.685  -4.264  1.00 0.00 ? 68 GLY A HA2 1 
ATOM 468 H HA3 . GLY A 1 76 ? -4.969  20.713  -5.381  1.00 0.00 ? 68 GLY A HA3 1 
ATOM 469 N N   . GLY A 1 77 ? -8.009  19.667  -5.606  1.00 0.00 ? 69 GLY A N   1 
ATOM 470 C CA  . GLY A 1 77 ? -9.283  19.869  -6.353  1.00 0.00 ? 69 GLY A CA  1 
ATOM 471 C C   . GLY A 1 77 ? -10.113 20.955  -5.666  1.00 0.00 ? 69 GLY A C   1 
ATOM 472 O O   . GLY A 1 77 ? -10.982 21.510  -6.317  1.00 0.00 ? 69 GLY A O   1 
ATOM 473 H H   . GLY A 1 77 ? -8.018  19.222  -4.734  1.00 0.00 ? 69 GLY A H   1 
ATOM 474 H HA2 . GLY A 1 77 ? -9.061  20.170  -7.367  1.00 0.00 ? 69 GLY A HA2 1 
ATOM 475 H HA3 . GLY A 1 77 ? -9.844  18.946  -6.365  1.00 0.00 ? 69 GLY A HA3 1 
# 
